data_9J3F
#
_entry.id   9J3F
#
_cell.length_a   66.640
_cell.length_b   70.366
_cell.length_c   78.775
_cell.angle_alpha   90.00
_cell.angle_beta   99.26
_cell.angle_gamma   90.00
#
_symmetry.space_group_name_H-M   'P 1 21 1'
#
loop_
_entity.id
_entity.type
_entity.pdbx_description
1 polymer 'Tle1 phospholipase domain-containing protein'
2 non-polymer GLYCEROL
3 water water
#
_entity_poly.entity_id   1
_entity_poly.type   'polypeptide(L)'
_entity_poly.pdbx_seq_one_letter_code
;MGSSHHHHHHSSGLVPRGSHMASMTGGQQMGRGSEFMQVSFAPLCPENPLQLSRAQQAEMMSAGLGRPQDSCCIDLRWGF
FFDGTNNNFHRDQPKKAHSNVARLYDIFEADRRKPEFVGRYAAGVGTAFKDEVGDQGLGIQEKAGLAAGWGGEARICWAL
LKFLDNLNYYFERIDLGEALGQKDPATVRRMAQDMTIPSMELRKIAGDETEMLRQISMMASLQSLTATALNLPNHRGRRA
VLAERRAQLRQRVQTWQRAQPKPKLRSIRVSVFGFSRGAAEARVFCSWLKDACDGGGGELTLCGIPVQLDLLGIFDTVAS
VGLANSSRLWSGHGGYASEDDLRIAPYVRRCVHLVAAHEVRGSFPLDAAAGVNGEEVVYPGVHSDVGGGYEPGEQGKAFI
GDSIDDSAKLSQIALCHMYREAMAAGVPLNLSASRLSKETKAAFKVDKGLIDAFNGYVAATGSIKASTTVALTQAHYALY
LRWRRLRLDDTAPDGMAQQPFVTRARTYKAQDVTDLLQTNAELRQEWAALQQDEKDAAYSSEASVAHVLRSTLAPIAARD
DIVALVWGEKMTQWREVKPAWNDLSPLDRRIVRLHDDYSHDSRAWFKPFGAASEEAWKRQYRQRMNRLEAQDNAWQQWNR
DVQPVIDDAVRKAQKHPGSFQPTPEVRPMPPLVAGQDLKDLKQWRSNGGVIPTEQDGRESYGMFGFLRWRTIFVPEKSAL
AHSIDAVDETLEQIKQLPGKAKQAVGDAVESAVDSAVEAGKDFVGDQVRKLIPSGLPRM
;
_entity_poly.pdbx_strand_id   A
#
loop_
_chem_comp.id
_chem_comp.type
_chem_comp.name
_chem_comp.formula
GOL non-polymer GLYCEROL 'C3 H8 O3'
#
# COMPACT_ATOMS: atom_id res chain seq x y z
N GLU A 35 11.02 6.59 28.43
CA GLU A 35 11.18 6.35 27.02
C GLU A 35 9.82 6.24 26.39
N PHE A 36 9.41 7.21 25.58
CA PHE A 36 8.10 7.14 24.97
C PHE A 36 7.93 7.87 23.64
N MET A 37 6.86 7.59 22.94
CA MET A 37 6.57 8.15 21.62
C MET A 37 5.76 9.42 21.81
N GLN A 38 6.37 10.56 21.50
CA GLN A 38 5.68 11.84 21.58
C GLN A 38 4.80 12.06 20.34
N VAL A 39 3.52 12.36 20.57
CA VAL A 39 2.57 12.57 19.48
C VAL A 39 2.51 14.05 19.11
N SER A 40 2.45 14.36 17.81
CA SER A 40 2.30 15.74 17.34
C SER A 40 1.78 15.70 15.90
N PHE A 41 1.31 16.87 15.43
CA PHE A 41 1.10 17.05 14.01
C PHE A 41 2.41 17.47 13.34
N ALA A 42 2.47 17.24 12.02
CA ALA A 42 3.62 17.60 11.18
C ALA A 42 4.10 19.00 11.50
N PRO A 43 5.41 19.18 11.67
CA PRO A 43 5.95 20.52 11.89
C PRO A 43 5.94 21.31 10.59
N LEU A 44 6.14 22.61 10.71
CA LEU A 44 6.30 23.43 9.51
C LEU A 44 7.50 22.91 8.72
N CYS A 45 7.31 22.80 7.42
CA CYS A 45 8.42 22.40 6.56
C CYS A 45 9.42 23.55 6.48
N PRO A 46 10.69 23.32 6.81
CA PRO A 46 11.71 24.37 6.66
C PRO A 46 11.80 24.85 5.22
N GLU A 47 12.33 26.06 5.06
CA GLU A 47 12.49 26.59 3.71
C GLU A 47 13.44 25.74 2.88
N ASN A 48 14.51 25.23 3.49
CA ASN A 48 15.31 24.17 2.88
C ASN A 48 15.01 22.90 3.64
N PRO A 49 14.13 22.04 3.14
CA PRO A 49 13.74 20.84 3.91
C PRO A 49 14.87 19.82 4.05
N LEU A 50 15.96 19.95 3.28
CA LEU A 50 17.12 19.06 3.42
C LEU A 50 18.13 19.57 4.42
N GLN A 51 17.91 20.74 5.02
CA GLN A 51 18.84 21.35 5.95
C GLN A 51 18.56 20.87 7.36
N LEU A 52 19.61 20.42 8.05
CA LEU A 52 19.43 19.91 9.39
C LEU A 52 19.30 21.05 10.38
N SER A 53 18.38 20.88 11.33
CA SER A 53 18.27 21.84 12.43
C SER A 53 19.55 21.80 13.26
N ARG A 54 19.73 22.82 14.09
CA ARG A 54 20.94 22.89 14.90
C ARG A 54 21.05 21.69 15.83
N ALA A 55 19.93 21.31 16.46
CA ALA A 55 19.93 20.12 17.30
C ALA A 55 20.24 18.87 16.48
N GLN A 56 19.64 18.76 15.27
CA GLN A 56 19.87 17.59 14.44
C GLN A 56 21.32 17.51 13.96
N GLN A 57 21.93 18.66 13.69
CA GLN A 57 23.33 18.65 13.25
C GLN A 57 24.24 18.19 14.38
N ALA A 58 23.90 18.56 15.62
CA ALA A 58 24.65 18.04 16.76
C ALA A 58 24.44 16.54 16.90
N GLU A 59 23.20 16.07 16.77
CA GLU A 59 22.93 14.64 16.87
C GLU A 59 23.72 13.86 15.83
N MET A 60 23.76 14.37 14.60
CA MET A 60 24.52 13.68 13.54
C MET A 60 25.98 13.53 13.92
N MET A 61 26.58 14.56 14.53
CA MET A 61 28.00 14.51 14.89
C MET A 61 28.26 13.49 15.99
N SER A 62 27.42 13.48 17.03
CA SER A 62 27.56 12.49 18.09
C SER A 62 27.22 11.08 17.62
N ALA A 63 26.52 10.92 16.50
CA ALA A 63 26.24 9.59 15.98
C ALA A 63 27.50 8.91 15.45
N GLY A 64 28.53 9.67 15.12
CA GLY A 64 29.79 9.11 14.67
C GLY A 64 30.06 9.31 13.19
N LEU A 65 29.05 9.69 12.42
CA LEU A 65 29.22 9.98 11.01
C LEU A 65 30.11 11.21 10.88
N GLY A 66 31.27 10.96 10.33
CA GLY A 66 32.32 11.90 10.15
C GLY A 66 33.54 11.60 10.97
N ARG A 67 33.43 10.80 12.02
CA ARG A 67 34.59 10.48 12.84
C ARG A 67 35.52 9.75 11.97
N PRO A 68 36.81 9.74 12.28
CA PRO A 68 37.81 9.01 11.47
C PRO A 68 38.27 7.56 11.75
N GLN A 69 38.79 6.96 10.69
CA GLN A 69 39.33 5.59 10.70
C GLN A 69 40.77 5.62 11.16
N ASP A 70 41.31 6.83 11.31
CA ASP A 70 42.68 7.09 11.72
C ASP A 70 42.97 6.53 13.10
N SER A 71 41.93 6.56 13.90
CA SER A 71 41.99 6.02 15.19
C SER A 71 41.83 4.53 14.86
N CYS A 72 41.95 3.74 15.88
CA CYS A 72 41.91 2.31 15.82
C CYS A 72 40.66 1.60 15.30
N CYS A 73 39.51 2.24 15.38
CA CYS A 73 38.22 1.61 15.13
C CYS A 73 37.28 2.07 14.04
N ILE A 74 36.29 1.23 13.73
CA ILE A 74 35.34 1.57 12.68
C ILE A 74 33.96 1.11 13.08
N ASP A 75 32.96 1.91 12.73
CA ASP A 75 31.58 1.54 12.93
C ASP A 75 31.00 1.17 11.57
N LEU A 76 30.41 -0.03 11.49
CA LEU A 76 29.66 -0.42 10.30
C LEU A 76 28.26 0.19 10.39
N ARG A 77 27.72 0.63 9.25
CA ARG A 77 26.39 1.24 9.23
C ARG A 77 25.56 0.56 8.16
N TRP A 78 24.48 -0.10 8.55
CA TRP A 78 23.67 -0.91 7.66
C TRP A 78 22.23 -0.41 7.68
N GLY A 79 21.67 -0.16 6.50
CA GLY A 79 20.26 0.21 6.36
C GLY A 79 19.47 -0.84 5.70
N PHE A 80 18.25 -1.09 6.19
CA PHE A 80 17.30 -2.04 5.61
C PHE A 80 16.04 -1.27 5.24
N PHE A 81 15.56 -1.46 4.01
CA PHE A 81 14.47 -0.65 3.47
C PHE A 81 13.41 -1.61 2.94
N PHE A 82 12.22 -1.62 3.57
CA PHE A 82 11.13 -2.50 3.18
C PHE A 82 10.03 -1.68 2.51
N ASP A 83 9.81 -1.88 1.21
CA ASP A 83 8.84 -1.05 0.53
C ASP A 83 7.41 -1.52 0.83
N GLY A 84 6.44 -0.69 0.41
CA GLY A 84 5.04 -0.94 0.74
C GLY A 84 4.31 -1.79 -0.28
N THR A 85 3.02 -2.01 -0.01
CA THR A 85 2.20 -2.83 -0.89
C THR A 85 2.16 -2.24 -2.30
N ASN A 86 2.54 -3.05 -3.29
CA ASN A 86 2.56 -2.63 -4.69
C ASN A 86 3.54 -1.48 -4.95
N ASN A 87 4.58 -1.37 -4.11
CA ASN A 87 5.67 -0.43 -4.36
C ASN A 87 6.90 -1.21 -4.78
N ASN A 88 7.44 -0.89 -5.96
CA ASN A 88 8.62 -1.58 -6.46
C ASN A 88 9.55 -0.53 -7.05
N PHE A 89 10.72 -0.37 -6.42
CA PHE A 89 11.67 0.67 -6.77
C PHE A 89 12.06 0.74 -8.25
N HIS A 90 12.52 -0.37 -8.81
CA HIS A 90 12.96 -0.32 -10.20
C HIS A 90 11.80 -0.31 -11.18
N ARG A 91 10.65 -0.86 -10.79
CA ARG A 91 9.47 -0.80 -11.67
C ARG A 91 8.92 0.62 -11.71
N ASP A 92 9.00 1.35 -10.60
CA ASP A 92 8.24 2.58 -10.45
C ASP A 92 9.06 3.86 -10.55
N GLN A 93 10.38 3.80 -10.32
CA GLN A 93 11.20 5.00 -10.50
C GLN A 93 11.10 5.62 -11.89
N PRO A 94 11.02 4.87 -13.00
CA PRO A 94 10.93 5.54 -14.32
C PRO A 94 9.76 6.50 -14.44
N LYS A 95 8.63 6.24 -13.78
CA LYS A 95 7.48 7.13 -13.79
C LYS A 95 7.47 8.07 -12.59
N LYS A 96 8.58 8.14 -11.85
CA LYS A 96 8.73 8.97 -10.66
C LYS A 96 7.69 8.62 -9.61
N ALA A 97 7.25 7.37 -9.59
CA ALA A 97 6.32 6.87 -8.59
C ALA A 97 6.98 5.94 -7.58
N HIS A 98 8.30 5.92 -7.52
CA HIS A 98 8.93 5.14 -6.46
C HIS A 98 8.71 5.84 -5.11
N SER A 99 8.60 5.04 -4.06
CA SER A 99 8.14 5.50 -2.77
C SER A 99 9.24 6.26 -2.03
N ASN A 100 8.88 6.80 -0.87
CA ASN A 100 9.86 7.46 -0.02
C ASN A 100 10.85 6.45 0.56
N VAL A 101 10.42 5.21 0.80
CA VAL A 101 11.38 4.17 1.18
C VAL A 101 12.40 3.94 0.06
N ALA A 102 11.93 3.82 -1.18
CA ALA A 102 12.84 3.60 -2.30
C ALA A 102 13.77 4.80 -2.53
N ARG A 103 13.27 6.01 -2.30
CA ARG A 103 14.09 7.21 -2.52
C ARG A 103 15.22 7.30 -1.50
N LEU A 104 14.93 7.00 -0.23
CA LEU A 104 15.97 7.04 0.77
C LEU A 104 16.99 5.93 0.52
N TYR A 105 16.52 4.74 0.11
CA TYR A 105 17.45 3.66 -0.22
C TYR A 105 18.38 4.08 -1.36
N ASP A 106 17.82 4.75 -2.37
CA ASP A 106 18.58 5.13 -3.55
C ASP A 106 19.80 5.96 -3.20
N ILE A 107 19.71 6.78 -2.15
CA ILE A 107 20.82 7.66 -1.80
C ILE A 107 21.64 7.15 -0.63
N PHE A 108 21.32 5.98 -0.08
CA PHE A 108 22.19 5.33 0.89
C PHE A 108 23.54 5.02 0.24
N GLU A 109 24.63 5.29 0.95
CA GLU A 109 25.98 5.16 0.38
C GLU A 109 26.20 3.77 -0.20
N ALA A 110 26.65 3.73 -1.46
CA ALA A 110 26.98 2.49 -2.16
C ALA A 110 28.30 2.78 -2.84
N ASP A 111 29.38 2.72 -2.07
CA ASP A 111 30.69 3.18 -2.52
C ASP A 111 31.68 2.05 -2.27
N ARG A 112 32.35 1.60 -3.33
CA ARG A 112 33.30 0.51 -3.20
C ARG A 112 34.44 0.85 -2.24
N ARG A 113 34.69 2.13 -1.97
CA ARG A 113 35.67 2.52 -0.97
C ARG A 113 35.11 2.52 0.44
N LYS A 114 33.81 2.34 0.62
CA LYS A 114 33.19 2.32 1.95
C LYS A 114 32.37 1.05 2.09
N PRO A 115 33.03 -0.11 2.17
CA PRO A 115 32.29 -1.38 2.35
C PRO A 115 31.63 -1.49 3.71
N GLU A 116 31.98 -0.60 4.65
CA GLU A 116 31.38 -0.57 5.96
C GLU A 116 29.94 -0.07 5.93
N PHE A 117 29.51 0.58 4.85
CA PHE A 117 28.15 1.10 4.71
C PHE A 117 27.41 0.26 3.67
N VAL A 118 26.37 -0.45 4.09
CA VAL A 118 25.63 -1.31 3.17
C VAL A 118 24.13 -1.06 3.34
N GLY A 119 23.44 -0.80 2.24
CA GLY A 119 21.99 -0.69 2.22
C GLY A 119 21.38 -1.88 1.50
N ARG A 120 20.22 -2.35 1.98
CA ARG A 120 19.50 -3.44 1.36
C ARG A 120 18.05 -3.04 1.16
N TYR A 121 17.49 -3.41 0.02
CA TYR A 121 16.13 -3.01 -0.35
C TYR A 121 15.28 -4.24 -0.59
N ALA A 122 14.14 -4.33 0.11
CA ALA A 122 13.16 -5.39 -0.14
C ALA A 122 11.98 -4.79 -0.88
N ALA A 123 11.68 -5.32 -2.08
CA ALA A 123 10.50 -4.91 -2.83
C ALA A 123 9.20 -5.07 -2.05
N GLY A 124 8.18 -4.33 -2.43
CA GLY A 124 6.92 -4.46 -1.76
C GLY A 124 6.21 -5.75 -2.14
N VAL A 125 5.32 -6.20 -1.25
CA VAL A 125 4.51 -7.37 -1.55
C VAL A 125 3.64 -7.05 -2.76
N GLY A 126 3.24 -8.11 -3.47
CA GLY A 126 2.51 -7.96 -4.70
C GLY A 126 3.35 -7.55 -5.88
N THR A 127 4.68 -7.46 -5.72
CA THR A 127 5.57 -7.08 -6.80
C THR A 127 6.73 -8.08 -6.86
N ALA A 128 7.49 -8.01 -7.95
CA ALA A 128 8.54 -8.98 -8.20
C ALA A 128 9.68 -8.89 -7.19
N PHE A 129 10.09 -10.03 -6.67
CA PHE A 129 11.26 -10.17 -5.81
C PHE A 129 11.86 -11.54 -6.11
N LYS A 130 12.14 -11.79 -7.39
CA LYS A 130 12.25 -13.16 -7.87
C LYS A 130 13.60 -13.79 -7.51
N ASP A 131 14.70 -13.17 -7.94
CA ASP A 131 16.00 -13.71 -7.61
C ASP A 131 16.25 -13.69 -6.12
N GLU A 132 15.51 -12.88 -5.38
CA GLU A 132 15.72 -12.76 -3.94
C GLU A 132 14.99 -13.84 -3.15
N VAL A 133 13.69 -14.02 -3.34
CA VAL A 133 12.93 -15.00 -2.58
C VAL A 133 12.10 -15.93 -3.45
N GLY A 134 12.12 -15.77 -4.77
CA GLY A 134 11.26 -16.56 -5.62
C GLY A 134 9.84 -16.04 -5.77
N ASP A 135 9.59 -14.79 -5.42
CA ASP A 135 8.30 -14.14 -5.62
C ASP A 135 8.33 -13.53 -7.02
N GLN A 136 7.54 -14.08 -7.94
CA GLN A 136 7.56 -13.59 -9.33
C GLN A 136 6.74 -12.32 -9.53
N GLY A 137 5.91 -11.91 -8.56
CA GLY A 137 5.12 -10.71 -8.76
C GLY A 137 4.14 -10.79 -9.91
N LEU A 138 3.65 -11.99 -10.22
CA LEU A 138 2.60 -12.17 -11.21
C LEU A 138 1.66 -13.28 -10.75
N GLY A 139 0.57 -13.45 -11.48
CA GLY A 139 -0.34 -14.55 -11.21
C GLY A 139 -0.92 -14.48 -9.82
N ILE A 140 -1.12 -15.65 -9.20
CA ILE A 140 -1.68 -15.71 -7.87
C ILE A 140 -0.72 -15.14 -6.84
N GLN A 141 0.60 -15.28 -7.06
CA GLN A 141 1.56 -14.69 -6.13
C GLN A 141 1.34 -13.19 -6.00
N GLU A 142 1.11 -12.51 -7.12
CA GLU A 142 0.87 -11.08 -7.09
C GLU A 142 -0.41 -10.75 -6.34
N LYS A 143 -1.51 -11.44 -6.66
CA LYS A 143 -2.79 -11.13 -6.02
C LYS A 143 -2.76 -11.42 -4.53
N ALA A 144 -2.13 -12.54 -4.13
CA ALA A 144 -2.07 -12.87 -2.71
C ALA A 144 -1.21 -11.85 -1.95
N GLY A 145 -0.15 -11.36 -2.59
CA GLY A 145 0.67 -10.33 -1.95
C GLY A 145 -0.08 -9.03 -1.77
N LEU A 146 -0.78 -8.58 -2.82
CA LEU A 146 -1.58 -7.36 -2.71
C LEU A 146 -2.72 -7.52 -1.72
N ALA A 147 -3.50 -8.59 -1.87
CA ALA A 147 -4.73 -8.68 -1.08
C ALA A 147 -4.44 -8.99 0.38
N ALA A 148 -3.43 -9.82 0.66
CA ALA A 148 -3.27 -10.36 2.01
C ALA A 148 -1.84 -10.27 2.54
N GLY A 149 -0.96 -9.52 1.89
CA GLY A 149 0.39 -9.39 2.42
C GLY A 149 1.25 -10.62 2.26
N TRP A 150 0.83 -11.61 1.49
CA TRP A 150 1.66 -12.79 1.26
C TRP A 150 3.02 -12.38 0.72
N GLY A 151 4.08 -13.06 1.20
CA GLY A 151 5.43 -12.73 0.80
C GLY A 151 6.15 -11.80 1.77
N GLY A 152 5.46 -11.30 2.79
CA GLY A 152 6.12 -10.43 3.76
C GLY A 152 7.08 -11.18 4.65
N GLU A 153 6.69 -12.37 5.11
CA GLU A 153 7.59 -13.20 5.90
C GLU A 153 8.88 -13.51 5.13
N ALA A 154 8.74 -13.88 3.85
CA ALA A 154 9.91 -14.20 3.03
C ALA A 154 10.84 -13.00 2.88
N ARG A 155 10.29 -11.78 2.75
CA ARG A 155 11.14 -10.59 2.66
C ARG A 155 11.88 -10.32 3.98
N ILE A 156 11.23 -10.53 5.12
CA ILE A 156 11.93 -10.39 6.40
C ILE A 156 13.05 -11.42 6.51
N CYS A 157 12.78 -12.66 6.11
CA CYS A 157 13.81 -13.70 6.18
C CYS A 157 14.98 -13.36 5.27
N TRP A 158 14.70 -12.84 4.08
CA TRP A 158 15.75 -12.40 3.17
C TRP A 158 16.61 -11.31 3.81
N ALA A 159 15.97 -10.31 4.42
CA ALA A 159 16.73 -9.23 5.04
C ALA A 159 17.56 -9.76 6.21
N LEU A 160 17.07 -10.80 6.90
CA LEU A 160 17.87 -11.38 7.98
C LEU A 160 19.10 -12.09 7.43
N LEU A 161 18.96 -12.80 6.30
CA LEU A 161 20.15 -13.32 5.61
C LEU A 161 21.08 -12.19 5.18
N LYS A 162 20.52 -11.09 4.66
CA LYS A 162 21.37 -9.98 4.22
C LYS A 162 22.14 -9.39 5.39
N PHE A 163 21.55 -9.41 6.58
CA PHE A 163 22.21 -8.91 7.77
C PHE A 163 23.53 -9.65 8.00
N LEU A 164 23.51 -10.98 7.84
CA LEU A 164 24.74 -11.76 7.95
C LEU A 164 25.66 -11.50 6.76
N ASP A 165 25.07 -11.43 5.55
CA ASP A 165 25.85 -11.13 4.35
C ASP A 165 26.64 -9.83 4.49
N ASN A 166 26.07 -8.85 5.19
CA ASN A 166 26.69 -7.53 5.28
C ASN A 166 28.06 -7.60 5.94
N LEU A 167 28.22 -8.47 6.94
CA LEU A 167 29.50 -8.59 7.63
C LEU A 167 30.53 -9.30 6.76
N ASN A 168 30.14 -10.39 6.10
CA ASN A 168 31.03 -11.00 5.12
C ASN A 168 31.44 -10.02 4.04
N TYR A 169 30.50 -9.16 3.62
CA TYR A 169 30.80 -8.20 2.56
C TYR A 169 31.85 -7.20 3.02
N TYR A 170 31.79 -6.82 4.30
CA TYR A 170 32.82 -5.94 4.85
C TYR A 170 34.21 -6.52 4.62
N PHE A 171 34.38 -7.80 4.95
CA PHE A 171 35.69 -8.45 4.91
C PHE A 171 36.07 -8.90 3.50
N GLU A 172 35.11 -9.42 2.74
CA GLU A 172 35.43 -10.11 1.48
C GLU A 172 34.83 -9.47 0.24
N ARG A 173 34.00 -8.43 0.37
CA ARG A 173 33.35 -7.76 -0.75
C ARG A 173 32.43 -8.66 -1.54
N ILE A 174 32.00 -9.76 -0.93
CA ILE A 174 31.01 -10.64 -1.52
C ILE A 174 30.04 -11.08 -0.41
N ASP A 175 28.78 -11.26 -0.76
CA ASP A 175 27.81 -11.76 0.21
C ASP A 175 28.12 -13.20 0.61
N LEU A 176 27.68 -13.57 1.82
CA LEU A 176 28.01 -14.89 2.37
C LEU A 176 27.29 -16.02 1.63
N GLY A 177 26.01 -15.85 1.30
CA GLY A 177 25.32 -16.89 0.53
C GLY A 177 25.96 -17.14 -0.82
N GLU A 178 26.38 -16.06 -1.51
CA GLU A 178 27.08 -16.20 -2.78
C GLU A 178 28.41 -16.93 -2.60
N ALA A 179 29.14 -16.63 -1.53
CA ALA A 179 30.41 -17.29 -1.26
C ALA A 179 30.23 -18.78 -0.97
N LEU A 180 29.07 -19.17 -0.44
CA LEU A 180 28.77 -20.57 -0.15
C LEU A 180 28.05 -21.26 -1.31
N GLY A 181 27.85 -20.59 -2.43
CA GLY A 181 27.10 -21.19 -3.52
C GLY A 181 25.63 -21.46 -3.21
N GLN A 182 25.04 -20.72 -2.28
CA GLN A 182 23.67 -20.95 -1.80
C GLN A 182 22.77 -19.84 -2.34
N LYS A 183 21.85 -20.20 -3.24
CA LYS A 183 20.94 -19.20 -3.78
C LYS A 183 19.89 -18.82 -2.73
N ASP A 184 19.58 -17.52 -2.66
CA ASP A 184 18.71 -17.02 -1.60
C ASP A 184 17.29 -17.59 -1.64
N PRO A 185 16.63 -17.78 -2.79
CA PRO A 185 15.27 -18.35 -2.75
C PRO A 185 15.20 -19.73 -2.09
N ALA A 186 16.16 -20.61 -2.39
CA ALA A 186 16.15 -21.93 -1.76
C ALA A 186 16.38 -21.81 -0.26
N THR A 187 17.23 -20.89 0.16
CA THR A 187 17.49 -20.71 1.58
C THR A 187 16.27 -20.15 2.28
N VAL A 188 15.65 -19.11 1.69
CA VAL A 188 14.48 -18.51 2.32
C VAL A 188 13.35 -19.53 2.42
N ARG A 189 13.23 -20.44 1.46
CA ARG A 189 12.16 -21.43 1.51
C ARG A 189 12.32 -22.36 2.71
N ARG A 190 13.55 -22.55 3.19
CA ARG A 190 13.76 -23.28 4.44
C ARG A 190 13.45 -22.44 5.66
N MET A 191 13.30 -21.13 5.50
CA MET A 191 13.09 -20.23 6.62
C MET A 191 11.65 -19.78 6.77
N ALA A 192 10.87 -19.75 5.69
CA ALA A 192 9.64 -18.97 5.62
C ALA A 192 8.48 -19.86 5.23
N GLN A 193 7.44 -19.87 6.07
CA GLN A 193 6.25 -20.65 5.75
C GLN A 193 5.59 -20.18 4.44
N ASP A 194 5.58 -18.87 4.18
CA ASP A 194 4.72 -18.40 3.09
C ASP A 194 5.17 -18.94 1.74
N MET A 195 6.47 -19.21 1.58
CA MET A 195 7.02 -19.75 0.35
C MET A 195 6.74 -21.23 0.17
N THR A 196 6.15 -21.90 1.16
CA THR A 196 5.72 -23.29 0.97
C THR A 196 4.23 -23.43 0.74
N ILE A 197 3.46 -22.35 0.80
CA ILE A 197 2.00 -22.49 0.64
C ILE A 197 1.72 -22.97 -0.78
N PRO A 198 0.93 -24.04 -0.96
CA PRO A 198 0.65 -24.53 -2.32
C PRO A 198 -0.20 -23.54 -3.10
N SER A 199 -0.01 -23.59 -4.43
CA SER A 199 -0.66 -22.63 -5.31
C SER A 199 -2.18 -22.66 -5.18
N MET A 200 -2.76 -23.84 -5.00
CA MET A 200 -4.22 -23.90 -4.83
C MET A 200 -4.65 -23.21 -3.55
N GLU A 201 -3.84 -23.28 -2.49
CA GLU A 201 -4.17 -22.55 -1.28
C GLU A 201 -3.99 -21.05 -1.46
N LEU A 202 -2.94 -20.64 -2.19
CA LEU A 202 -2.79 -19.22 -2.51
C LEU A 202 -3.96 -18.71 -3.31
N ARG A 203 -4.56 -19.56 -4.12
CA ARG A 203 -5.72 -19.17 -4.89
C ARG A 203 -6.84 -18.83 -3.98
N LYS A 204 -7.07 -19.66 -2.99
CA LYS A 204 -8.08 -19.34 -1.96
C LYS A 204 -7.81 -17.99 -1.29
N ILE A 205 -6.57 -17.79 -0.81
CA ILE A 205 -6.21 -16.58 -0.08
C ILE A 205 -6.53 -15.34 -0.90
N ALA A 206 -6.38 -15.43 -2.23
CA ALA A 206 -6.53 -14.27 -3.08
C ALA A 206 -7.94 -14.08 -3.63
N GLY A 207 -8.83 -15.05 -3.48
CA GLY A 207 -10.13 -14.96 -4.11
C GLY A 207 -10.94 -13.73 -3.77
N ASP A 208 -11.79 -13.30 -4.70
CA ASP A 208 -12.68 -12.15 -4.49
C ASP A 208 -13.54 -12.35 -3.24
N GLU A 209 -14.22 -13.48 -3.16
CA GLU A 209 -15.12 -13.72 -2.04
C GLU A 209 -14.35 -13.80 -0.72
N THR A 210 -13.19 -14.47 -0.74
CA THR A 210 -12.34 -14.49 0.45
C THR A 210 -12.03 -13.07 0.92
N GLU A 211 -11.71 -12.18 -0.02
CA GLU A 211 -11.40 -10.80 0.33
C GLU A 211 -12.62 -10.07 0.91
N MET A 212 -13.83 -10.35 0.40
CA MET A 212 -15.00 -9.77 1.05
C MET A 212 -15.12 -10.26 2.48
N LEU A 213 -14.80 -11.54 2.70
CA LEU A 213 -14.94 -12.10 4.05
C LEU A 213 -13.89 -11.52 4.99
N ARG A 214 -12.69 -11.27 4.48
CA ARG A 214 -11.68 -10.64 5.32
C ARG A 214 -12.13 -9.24 5.74
N GLN A 215 -12.70 -8.48 4.80
CA GLN A 215 -13.13 -7.13 5.10
C GLN A 215 -14.24 -7.15 6.14
N ILE A 216 -15.21 -8.05 5.96
CA ILE A 216 -16.29 -8.20 6.94
C ILE A 216 -15.73 -8.58 8.30
N SER A 217 -14.78 -9.53 8.33
CA SER A 217 -14.16 -9.92 9.60
C SER A 217 -13.45 -8.74 10.26
N MET A 218 -12.71 -7.96 9.48
CA MET A 218 -12.05 -6.76 9.99
C MET A 218 -13.07 -5.75 10.51
N MET A 219 -14.08 -5.46 9.70
CA MET A 219 -15.02 -4.40 10.03
C MET A 219 -15.87 -4.73 11.26
N ALA A 220 -16.43 -5.95 11.31
CA ALA A 220 -17.40 -6.31 12.33
C ALA A 220 -16.79 -7.11 13.47
N SER A 221 -15.47 -7.28 13.50
CA SER A 221 -14.79 -8.04 14.55
C SER A 221 -15.38 -9.45 14.64
N LEU A 222 -15.49 -10.09 13.49
CA LEU A 222 -16.13 -11.39 13.36
C LEU A 222 -15.07 -12.46 13.15
N GLN A 223 -15.20 -13.55 13.90
CA GLN A 223 -14.42 -14.75 13.61
C GLN A 223 -14.77 -15.28 12.23
N SER A 224 -13.82 -15.98 11.62
CA SER A 224 -14.01 -16.45 10.25
C SER A 224 -15.25 -17.32 10.15
N LEU A 225 -16.06 -17.06 9.11
CA LEU A 225 -17.20 -17.90 8.81
C LEU A 225 -16.82 -19.16 8.05
N THR A 226 -15.60 -19.19 7.49
CA THR A 226 -15.12 -20.31 6.71
C THR A 226 -13.88 -20.91 7.37
N ALA A 227 -13.61 -22.16 7.04
CA ALA A 227 -12.38 -22.80 7.49
C ALA A 227 -11.19 -22.12 6.83
N THR A 228 -10.16 -21.82 7.62
CA THR A 228 -9.02 -21.09 7.10
C THR A 228 -7.73 -21.70 7.67
N ALA A 229 -6.61 -21.38 7.03
CA ALA A 229 -5.30 -21.83 7.50
C ALA A 229 -4.60 -20.68 8.21
N LEU A 230 -3.87 -21.01 9.28
CA LEU A 230 -3.14 -19.96 9.99
C LEU A 230 -1.85 -19.57 9.27
N ASN A 231 -1.13 -20.53 8.72
CA ASN A 231 0.15 -20.28 8.02
C ASN A 231 1.09 -19.40 8.85
N LEU A 232 1.31 -19.80 10.10
CA LEU A 232 2.17 -19.04 10.99
C LEU A 232 3.62 -19.14 10.52
N PRO A 233 4.47 -18.20 10.93
CA PRO A 233 5.88 -18.23 10.50
C PRO A 233 6.58 -19.51 10.92
N ASN A 234 7.57 -19.90 10.14
CA ASN A 234 8.41 -21.06 10.49
C ASN A 234 9.55 -20.59 11.40
N HIS A 235 9.17 -20.27 12.65
CA HIS A 235 10.13 -19.72 13.61
C HIS A 235 11.31 -20.65 13.82
N ARG A 236 11.05 -21.95 13.94
CA ARG A 236 12.13 -22.90 14.22
C ARG A 236 13.08 -23.02 13.04
N GLY A 237 12.54 -23.08 11.82
CA GLY A 237 13.38 -23.16 10.65
C GLY A 237 14.17 -21.90 10.42
N ARG A 238 13.54 -20.74 10.62
CA ARG A 238 14.24 -19.48 10.46
C ARG A 238 15.43 -19.38 11.41
N ARG A 239 15.23 -19.74 12.67
CA ARG A 239 16.33 -19.69 13.62
C ARG A 239 17.43 -20.69 13.28
N ALA A 240 17.03 -21.89 12.83
CA ALA A 240 18.01 -22.92 12.51
C ALA A 240 18.87 -22.51 11.32
N VAL A 241 18.24 -21.93 10.30
CA VAL A 241 19.01 -21.51 9.14
C VAL A 241 19.94 -20.37 9.52
N LEU A 242 19.44 -19.40 10.27
CA LEU A 242 20.31 -18.29 10.66
C LEU A 242 21.46 -18.75 11.54
N ALA A 243 21.25 -19.80 12.36
CA ALA A 243 22.32 -20.24 13.24
C ALA A 243 23.44 -20.92 12.46
N GLU A 244 23.09 -21.69 11.45
CA GLU A 244 24.10 -22.33 10.61
C GLU A 244 24.80 -21.30 9.74
N ARG A 245 24.04 -20.37 9.15
CA ARG A 245 24.65 -19.30 8.37
C ARG A 245 25.59 -18.48 9.24
N ARG A 246 25.18 -18.21 10.49
CA ARG A 246 26.00 -17.41 11.39
C ARG A 246 27.27 -18.14 11.80
N ALA A 247 27.21 -19.47 11.91
CA ALA A 247 28.41 -20.23 12.25
C ALA A 247 29.41 -20.19 11.11
N GLN A 248 28.92 -20.29 9.87
CA GLN A 248 29.81 -20.11 8.73
C GLN A 248 30.44 -18.73 8.75
N LEU A 249 29.62 -17.70 9.03
CA LEU A 249 30.14 -16.33 9.09
C LEU A 249 31.20 -16.18 10.17
N ARG A 250 30.96 -16.73 11.36
CA ARG A 250 31.85 -16.49 12.49
C ARG A 250 33.25 -17.00 12.20
N GLN A 251 33.37 -18.15 11.55
CA GLN A 251 34.69 -18.71 11.27
C GLN A 251 35.48 -17.80 10.34
N ARG A 252 34.82 -17.26 9.30
CA ARG A 252 35.47 -16.32 8.38
C ARG A 252 35.85 -15.03 9.08
N VAL A 253 34.93 -14.44 9.85
CA VAL A 253 35.22 -13.21 10.58
C VAL A 253 36.40 -13.42 11.54
N GLN A 254 36.40 -14.53 12.27
CA GLN A 254 37.51 -14.77 13.20
C GLN A 254 38.83 -14.97 12.44
N THR A 255 38.77 -15.57 11.25
CA THR A 255 39.98 -15.75 10.45
C THR A 255 40.56 -14.42 10.02
N TRP A 256 39.71 -13.52 9.50
CA TRP A 256 40.21 -12.25 9.00
C TRP A 256 40.61 -11.30 10.12
N GLN A 257 39.92 -11.36 11.27
CA GLN A 257 40.35 -10.54 12.40
C GLN A 257 41.70 -11.00 12.93
N ARG A 258 41.94 -12.31 12.91
CA ARG A 258 43.27 -12.79 13.32
C ARG A 258 44.33 -12.34 12.32
N ALA A 259 44.04 -12.41 11.02
CA ALA A 259 45.03 -12.04 10.02
C ALA A 259 45.30 -10.54 10.00
N GLN A 260 44.25 -9.71 10.14
CA GLN A 260 44.41 -8.26 10.11
C GLN A 260 43.48 -7.63 11.14
N PRO A 261 43.96 -7.44 12.37
CA PRO A 261 43.08 -6.92 13.44
C PRO A 261 42.77 -5.43 13.33
N LYS A 262 43.37 -4.70 12.40
CA LYS A 262 43.17 -3.27 12.25
C LYS A 262 42.45 -2.97 10.94
N PRO A 263 41.39 -2.13 10.95
CA PRO A 263 40.81 -1.51 12.15
C PRO A 263 39.91 -2.44 12.94
N LYS A 264 39.79 -2.17 14.24
CA LYS A 264 38.87 -2.92 15.07
C LYS A 264 37.42 -2.55 14.73
N LEU A 265 36.55 -3.55 14.70
CA LEU A 265 35.12 -3.33 14.44
C LEU A 265 34.48 -2.95 15.76
N ARG A 266 34.21 -1.65 15.92
CA ARG A 266 33.74 -1.11 17.18
C ARG A 266 32.26 -1.41 17.40
N SER A 267 31.44 -1.27 16.37
CA SER A 267 30.02 -1.55 16.52
C SER A 267 29.40 -1.70 15.14
N ILE A 268 28.17 -2.20 15.14
CA ILE A 268 27.34 -2.30 13.94
C ILE A 268 26.10 -1.46 14.21
N ARG A 269 25.85 -0.47 13.36
CA ARG A 269 24.75 0.46 13.53
C ARG A 269 23.70 0.19 12.48
N VAL A 270 22.51 -0.20 12.92
CA VAL A 270 21.43 -0.61 12.03
C VAL A 270 20.34 0.45 12.00
N SER A 271 19.86 0.76 10.82
CA SER A 271 18.63 1.54 10.67
C SER A 271 17.70 0.79 9.74
N VAL A 272 16.40 0.91 10.00
CA VAL A 272 15.38 0.13 9.30
C VAL A 272 14.28 1.09 8.90
N PHE A 273 13.85 1.01 7.64
CA PHE A 273 12.81 1.90 7.12
C PHE A 273 11.73 1.06 6.45
N GLY A 274 10.48 1.53 6.53
CA GLY A 274 9.40 0.80 5.89
C GLY A 274 8.18 1.68 5.73
N PHE A 275 7.33 1.29 4.79
CA PHE A 275 6.06 1.95 4.48
C PHE A 275 4.99 0.87 4.31
N SER A 276 3.82 1.12 4.89
CA SER A 276 2.66 0.25 4.66
C SER A 276 2.90 -1.13 5.23
N ARG A 277 2.65 -2.17 4.45
CA ARG A 277 3.06 -3.50 4.90
C ARG A 277 4.57 -3.62 5.03
N GLY A 278 5.33 -2.78 4.32
CA GLY A 278 6.77 -2.73 4.56
C GLY A 278 7.11 -2.20 5.94
N ALA A 279 6.25 -1.35 6.50
CA ALA A 279 6.47 -0.92 7.89
C ALA A 279 6.09 -2.01 8.90
N ALA A 280 5.09 -2.82 8.59
CA ALA A 280 4.83 -4.00 9.42
C ALA A 280 6.00 -4.97 9.35
N GLU A 281 6.52 -5.21 8.14
CA GLU A 281 7.71 -6.04 7.98
C GLU A 281 8.91 -5.46 8.73
N ALA A 282 9.11 -4.14 8.63
CA ALA A 282 10.23 -3.49 9.29
C ALA A 282 10.16 -3.67 10.81
N ARG A 283 8.96 -3.56 11.39
CA ARG A 283 8.80 -3.80 12.82
C ARG A 283 9.07 -5.26 13.19
N VAL A 284 8.55 -6.20 12.41
CA VAL A 284 8.76 -7.60 12.78
C VAL A 284 10.23 -7.98 12.55
N PHE A 285 10.86 -7.40 11.52
CA PHE A 285 12.31 -7.57 11.33
C PHE A 285 13.09 -7.15 12.57
N CYS A 286 12.74 -6.00 13.17
CA CYS A 286 13.41 -5.59 14.40
C CYS A 286 13.19 -6.61 15.50
N SER A 287 11.97 -7.18 15.61
CA SER A 287 11.70 -8.17 16.65
C SER A 287 12.47 -9.47 16.41
N TRP A 288 12.61 -9.89 15.14
CA TRP A 288 13.30 -11.12 14.78
C TRP A 288 14.79 -10.93 14.60
N LEU A 289 15.29 -9.69 14.69
CA LEU A 289 16.73 -9.49 14.53
C LEU A 289 17.51 -10.29 15.57
N LYS A 290 16.91 -10.57 16.73
CA LYS A 290 17.50 -11.47 17.73
C LYS A 290 17.92 -12.80 17.14
N ASP A 291 17.14 -13.33 16.19
CA ASP A 291 17.44 -14.63 15.61
C ASP A 291 18.71 -14.61 14.77
N ALA A 292 19.09 -13.46 14.25
CA ALA A 292 20.31 -13.38 13.43
C ALA A 292 21.54 -13.03 14.24
N CYS A 293 21.38 -12.48 15.43
CA CYS A 293 22.51 -12.09 16.26
C CYS A 293 23.02 -13.29 17.04
N ASP A 294 24.08 -13.08 17.82
CA ASP A 294 24.71 -14.14 18.58
C ASP A 294 23.72 -14.74 19.58
N GLY A 295 23.87 -16.05 19.82
CA GLY A 295 23.08 -16.75 20.83
C GLY A 295 22.63 -16.01 22.07
N GLY A 296 21.32 -15.99 22.29
CA GLY A 296 20.63 -15.07 23.19
C GLY A 296 21.30 -14.84 24.52
N GLY A 297 21.05 -13.68 25.12
CA GLY A 297 21.66 -13.37 26.39
C GLY A 297 22.20 -11.96 26.47
N GLY A 298 21.32 -10.99 26.70
CA GLY A 298 21.76 -9.63 26.88
C GLY A 298 21.86 -8.87 25.58
N GLU A 299 22.77 -7.89 25.53
CA GLU A 299 22.78 -6.95 24.43
C GLU A 299 23.13 -7.63 23.11
N LEU A 300 22.52 -7.17 22.03
CA LEU A 300 22.71 -7.80 20.73
C LEU A 300 24.16 -7.67 20.29
N THR A 301 24.75 -8.78 19.85
CA THR A 301 26.07 -8.77 19.23
C THR A 301 26.02 -9.65 18.00
N LEU A 302 26.96 -9.43 17.07
CA LEU A 302 27.16 -10.32 15.93
C LEU A 302 28.63 -10.64 15.84
N CYS A 303 28.98 -11.92 16.01
CA CYS A 303 30.39 -12.33 16.03
C CYS A 303 31.18 -11.53 17.06
N GLY A 304 30.56 -11.29 18.20
CA GLY A 304 31.16 -10.50 19.26
C GLY A 304 31.05 -9.00 19.09
N ILE A 305 30.56 -8.51 17.95
CA ILE A 305 30.53 -7.06 17.70
C ILE A 305 29.20 -6.49 18.17
N PRO A 306 29.19 -5.46 19.02
CA PRO A 306 27.93 -4.87 19.47
C PRO A 306 27.09 -4.39 18.30
N VAL A 307 25.79 -4.67 18.37
CA VAL A 307 24.78 -4.26 17.41
C VAL A 307 23.89 -3.23 18.10
N GLN A 308 23.69 -2.07 17.46
CA GLN A 308 22.72 -1.13 17.99
C GLN A 308 21.77 -0.70 16.89
N LEU A 309 20.51 -0.51 17.25
CA LEU A 309 19.45 -0.15 16.32
C LEU A 309 19.20 1.33 16.52
N ASP A 310 19.76 2.16 15.65
CA ASP A 310 19.77 3.61 15.86
C ASP A 310 18.45 4.26 15.47
N LEU A 311 17.80 3.82 14.39
CA LEU A 311 16.56 4.45 13.94
C LEU A 311 15.66 3.42 13.28
N LEU A 312 14.39 3.40 13.68
CA LEU A 312 13.32 2.74 12.94
C LEU A 312 12.45 3.87 12.36
N GLY A 313 12.53 4.07 11.05
CA GLY A 313 11.76 5.13 10.41
C GLY A 313 10.66 4.54 9.56
N ILE A 314 9.42 4.65 9.99
CA ILE A 314 8.32 3.94 9.35
C ILE A 314 7.25 4.93 8.93
N PHE A 315 6.61 4.66 7.81
CA PHE A 315 5.55 5.48 7.23
C PHE A 315 4.26 4.69 7.31
N ASP A 316 3.26 5.23 7.99
CA ASP A 316 1.89 4.71 8.05
C ASP A 316 1.77 3.18 8.07
N THR A 317 2.12 2.55 9.20
CA THR A 317 2.12 1.09 9.29
C THR A 317 0.74 0.50 9.05
N VAL A 318 0.65 -0.42 8.09
CA VAL A 318 -0.56 -1.22 7.85
C VAL A 318 -0.13 -2.67 7.82
N ALA A 319 -0.80 -3.51 8.61
CA ALA A 319 -0.56 -4.94 8.53
C ALA A 319 -1.52 -5.67 7.60
N SER A 320 -2.76 -5.89 8.04
CA SER A 320 -3.79 -6.52 7.22
C SER A 320 -3.23 -7.75 6.49
N VAL A 321 -2.64 -8.65 7.27
CA VAL A 321 -1.96 -9.83 6.76
C VAL A 321 -2.77 -11.08 7.08
N GLY A 322 -2.84 -12.00 6.12
CA GLY A 322 -3.42 -13.30 6.37
C GLY A 322 -4.93 -13.27 6.42
N LEU A 323 -5.51 -14.35 6.94
CA LEU A 323 -6.95 -14.51 7.06
C LEU A 323 -7.43 -14.61 8.49
N ALA A 324 -6.58 -15.04 9.42
CA ALA A 324 -6.95 -15.28 10.81
C ALA A 324 -5.66 -15.42 11.62
N ASN A 325 -5.81 -15.47 12.94
CA ASN A 325 -4.70 -15.84 13.82
C ASN A 325 -5.27 -16.70 14.95
N SER A 326 -4.47 -16.96 15.98
CA SER A 326 -4.93 -17.82 17.07
C SER A 326 -5.82 -17.09 18.07
N SER A 327 -6.15 -15.82 17.83
CA SER A 327 -6.93 -15.04 18.77
C SER A 327 -8.41 -15.03 18.38
N ARG A 328 -9.22 -14.44 19.27
CA ARG A 328 -10.62 -14.21 18.95
C ARG A 328 -10.77 -13.14 17.88
N LEU A 329 -9.96 -12.08 17.95
CA LEU A 329 -10.00 -10.97 16.99
C LEU A 329 -8.77 -11.06 16.09
N TRP A 330 -8.99 -11.35 14.81
CA TRP A 330 -7.88 -11.40 13.87
C TRP A 330 -7.21 -10.03 13.74
N SER A 331 -8.01 -9.01 13.41
CA SER A 331 -7.57 -7.62 13.33
C SER A 331 -6.53 -7.38 12.25
N GLY A 332 -6.45 -8.23 11.23
CA GLY A 332 -5.38 -8.08 10.27
C GLY A 332 -4.02 -8.54 10.74
N HIS A 333 -3.95 -9.15 11.92
CA HIS A 333 -2.66 -9.51 12.51
C HIS A 333 -2.37 -10.99 12.39
N GLY A 334 -2.45 -11.49 11.16
CA GLY A 334 -2.13 -12.85 10.84
C GLY A 334 -0.70 -13.00 10.36
N GLY A 335 -0.33 -14.25 10.07
CA GLY A 335 1.00 -14.54 9.56
C GLY A 335 2.10 -13.96 10.42
N TYR A 336 3.09 -13.36 9.76
CA TYR A 336 4.22 -12.78 10.48
C TYR A 336 3.80 -11.59 11.33
N ALA A 337 2.68 -10.96 11.03
CA ALA A 337 2.34 -9.67 11.65
C ALA A 337 1.54 -9.85 12.95
N SER A 338 2.05 -10.66 13.87
CA SER A 338 1.40 -10.80 15.16
C SER A 338 1.49 -9.51 15.97
N GLU A 339 0.51 -9.31 16.87
CA GLU A 339 0.55 -8.16 17.75
C GLU A 339 1.85 -8.09 18.53
N ASP A 340 2.32 -9.24 19.04
CA ASP A 340 3.55 -9.25 19.84
C ASP A 340 4.73 -8.70 19.05
N ASP A 341 4.91 -9.18 17.80
CA ASP A 341 6.07 -8.79 17.02
C ASP A 341 5.92 -7.43 16.36
N LEU A 342 4.70 -6.90 16.25
CA LEU A 342 4.51 -5.54 15.75
C LEU A 342 4.89 -4.50 16.79
N ARG A 343 4.92 -4.86 18.06
CA ARG A 343 5.36 -3.93 19.09
C ARG A 343 6.79 -3.49 18.81
N ILE A 344 7.04 -2.18 18.92
CA ILE A 344 8.39 -1.70 18.63
C ILE A 344 9.36 -2.35 19.60
N ALA A 345 10.40 -2.98 19.06
CA ALA A 345 11.31 -3.77 19.88
C ALA A 345 12.04 -2.88 20.87
N PRO A 346 12.31 -3.36 22.08
CA PRO A 346 12.84 -2.47 23.12
C PRO A 346 14.23 -1.92 22.84
N TYR A 347 15.02 -2.57 21.98
CA TYR A 347 16.36 -2.08 21.65
C TYR A 347 16.35 -1.09 20.48
N VAL A 348 15.18 -0.75 19.96
CA VAL A 348 15.09 0.36 19.00
C VAL A 348 15.35 1.66 19.75
N ARG A 349 16.44 2.35 19.38
CA ARG A 349 16.82 3.53 20.16
C ARG A 349 15.96 4.74 19.82
N ARG A 350 15.45 4.81 18.60
CA ARG A 350 14.54 5.89 18.22
C ARG A 350 13.60 5.37 17.14
N CYS A 351 12.30 5.63 17.30
CA CYS A 351 11.33 5.31 16.26
C CYS A 351 10.60 6.58 15.84
N VAL A 352 10.58 6.83 14.53
CA VAL A 352 9.87 7.96 13.95
C VAL A 352 8.79 7.38 13.06
N HIS A 353 7.52 7.61 13.42
CA HIS A 353 6.39 7.04 12.72
C HIS A 353 5.55 8.19 12.17
N LEU A 354 5.55 8.35 10.84
CA LEU A 354 4.75 9.36 10.16
C LEU A 354 3.49 8.69 9.62
N VAL A 355 2.32 9.20 10.03
CA VAL A 355 1.05 8.54 9.75
C VAL A 355 0.14 9.47 8.94
N ALA A 356 -0.75 8.86 8.16
CA ALA A 356 -1.63 9.59 7.23
C ALA A 356 -2.93 9.96 7.95
N ALA A 357 -3.14 11.26 8.14
CA ALA A 357 -4.34 11.73 8.85
C ALA A 357 -5.62 11.39 8.10
N HIS A 358 -5.58 11.29 6.78
CA HIS A 358 -6.79 11.28 5.99
C HIS A 358 -7.05 9.96 5.29
N GLU A 359 -6.20 8.96 5.51
CA GLU A 359 -6.46 7.60 5.04
C GLU A 359 -7.65 7.00 5.80
N VAL A 360 -8.60 6.39 5.08
CA VAL A 360 -9.79 5.86 5.73
C VAL A 360 -10.25 4.53 5.16
N ARG A 361 -9.48 3.96 4.22
CA ARG A 361 -9.89 2.70 3.60
C ARG A 361 -9.96 1.60 4.66
N GLY A 362 -10.99 0.76 4.55
CA GLY A 362 -11.14 -0.36 5.47
C GLY A 362 -10.00 -1.36 5.38
N SER A 363 -9.37 -1.48 4.21
CA SER A 363 -8.23 -2.37 4.01
C SER A 363 -6.93 -1.83 4.57
N PHE A 364 -6.91 -0.60 5.10
CA PHE A 364 -5.67 0.06 5.53
C PHE A 364 -5.80 0.60 6.95
N PRO A 365 -6.14 -0.25 7.93
CA PRO A 365 -6.14 0.22 9.31
C PRO A 365 -4.72 0.51 9.78
N LEU A 366 -4.58 1.53 10.60
CA LEU A 366 -3.27 1.90 11.12
C LEU A 366 -2.84 1.13 12.36
N ASP A 367 -1.58 0.77 12.42
CA ASP A 367 -1.05 0.14 13.61
C ASP A 367 -0.16 1.19 14.25
N ALA A 368 -0.62 1.76 15.34
CA ALA A 368 0.18 2.76 16.06
C ALA A 368 1.42 2.14 16.69
N ALA A 369 2.38 3.01 17.02
CA ALA A 369 3.68 2.60 17.53
C ALA A 369 3.93 3.26 18.88
N ALA A 370 4.39 2.49 19.85
CA ALA A 370 4.65 3.04 21.17
C ALA A 370 5.74 2.22 21.86
N GLY A 371 6.19 2.72 23.01
CA GLY A 371 7.00 1.95 23.91
C GLY A 371 8.49 2.23 23.86
N VAL A 372 8.95 3.09 22.96
CA VAL A 372 10.36 3.45 22.87
C VAL A 372 10.45 4.96 22.68
N ASN A 373 11.66 5.49 22.71
CA ASN A 373 11.87 6.90 22.42
C ASN A 373 11.53 7.20 20.96
N GLY A 374 10.91 8.35 20.72
CA GLY A 374 10.67 8.76 19.35
C GLY A 374 9.44 9.62 19.24
N GLU A 375 8.93 9.71 18.00
CA GLU A 375 7.82 10.59 17.67
C GLU A 375 6.86 9.87 16.74
N GLU A 376 5.56 9.95 17.03
CA GLU A 376 4.52 9.58 16.09
C GLU A 376 3.90 10.89 15.61
N VAL A 377 4.09 11.20 14.32
CA VAL A 377 3.78 12.50 13.76
C VAL A 377 2.68 12.34 12.72
N VAL A 378 1.55 13.00 12.93
CA VAL A 378 0.42 12.92 12.01
C VAL A 378 0.63 13.91 10.86
N TYR A 379 0.60 13.40 9.60
CA TYR A 379 0.78 14.18 8.39
C TYR A 379 -0.54 14.29 7.61
N PRO A 380 -0.73 15.35 6.82
CA PRO A 380 -1.92 15.43 5.97
C PRO A 380 -1.83 14.49 4.78
N GLY A 381 -2.99 14.07 4.30
CA GLY A 381 -3.07 13.22 3.13
C GLY A 381 -3.38 11.77 3.48
N VAL A 382 -3.43 10.96 2.43
CA VAL A 382 -3.78 9.55 2.56
C VAL A 382 -2.48 8.74 2.58
N HIS A 383 -2.61 7.42 2.60
CA HIS A 383 -1.49 6.49 2.75
C HIS A 383 -0.23 6.83 1.94
N SER A 384 -0.36 7.03 0.64
CA SER A 384 0.82 7.32 -0.16
C SER A 384 1.13 8.81 -0.27
N ASP A 385 0.32 9.67 0.35
CA ASP A 385 0.77 11.04 0.55
C ASP A 385 1.81 11.14 1.64
N VAL A 386 1.97 10.09 2.44
CA VAL A 386 2.97 10.05 3.50
C VAL A 386 4.12 9.10 3.18
N GLY A 387 3.81 7.90 2.68
CA GLY A 387 4.83 6.95 2.29
C GLY A 387 5.39 7.17 0.90
N GLY A 388 4.75 8.03 0.10
CA GLY A 388 5.12 8.21 -1.29
C GLY A 388 4.52 7.15 -2.19
N GLY A 389 4.67 7.34 -3.50
CA GLY A 389 4.26 6.35 -4.48
C GLY A 389 3.27 6.83 -5.54
N TYR A 390 2.65 8.01 -5.43
CA TYR A 390 1.81 8.47 -6.52
C TYR A 390 2.68 8.90 -7.70
N GLU A 391 2.17 8.81 -8.89
CA GLU A 391 2.84 9.35 -10.03
C GLU A 391 2.43 10.81 -10.04
N PRO A 392 3.45 11.69 -10.37
CA PRO A 392 3.03 13.07 -10.47
C PRO A 392 2.06 13.18 -11.62
N GLY A 393 1.04 14.00 -11.38
CA GLY A 393 -0.06 14.28 -12.22
C GLY A 393 -1.31 13.45 -11.92
N GLU A 394 -1.20 12.30 -11.26
CA GLU A 394 -2.41 11.52 -11.00
C GLU A 394 -3.41 12.34 -10.20
N GLN A 395 -4.69 12.15 -10.52
CA GLN A 395 -5.81 12.89 -9.91
C GLN A 395 -5.63 14.41 -10.02
N GLY A 396 -4.83 14.89 -10.97
CA GLY A 396 -4.63 16.31 -11.12
C GLY A 396 -3.80 16.97 -10.03
N LYS A 397 -3.05 16.20 -9.26
CA LYS A 397 -2.17 16.72 -8.21
C LYS A 397 -0.74 16.77 -8.74
N ALA A 398 0.13 17.48 -8.03
CA ALA A 398 1.56 17.61 -8.39
C ALA A 398 1.75 18.34 -9.72
N PHE A 399 1.13 19.50 -9.84
CA PHE A 399 1.29 20.37 -11.00
C PHE A 399 2.01 21.65 -10.60
N ILE A 400 2.73 22.27 -11.49
CA ILE A 400 3.29 23.56 -11.19
C ILE A 400 2.85 24.25 -12.42
N GLY A 401 1.92 25.15 -12.27
CA GLY A 401 1.33 25.80 -13.40
C GLY A 401 0.62 24.70 -14.12
N ASP A 402 0.90 24.55 -15.38
CA ASP A 402 0.29 23.52 -16.13
C ASP A 402 1.23 22.41 -16.39
N SER A 403 2.36 22.39 -15.70
CA SER A 403 3.30 21.30 -15.90
C SER A 403 3.24 20.31 -14.74
N ILE A 404 3.32 19.02 -15.08
CA ILE A 404 3.48 17.98 -14.07
C ILE A 404 4.89 18.04 -13.50
N ASP A 405 5.01 17.96 -12.18
CA ASP A 405 6.31 18.06 -11.52
C ASP A 405 6.32 17.26 -10.22
N ASP A 406 7.21 16.28 -10.16
CA ASP A 406 7.36 15.44 -8.97
C ASP A 406 7.70 16.26 -7.72
N SER A 407 8.34 17.42 -7.87
CA SER A 407 8.70 18.22 -6.71
C SER A 407 7.50 18.84 -6.03
N ALA A 408 6.35 18.86 -6.68
CA ALA A 408 5.12 19.38 -6.09
C ALA A 408 4.23 18.30 -5.48
N LYS A 409 4.71 17.06 -5.43
CA LYS A 409 3.97 15.95 -4.80
C LYS A 409 3.98 16.06 -3.28
N LEU A 410 2.80 15.94 -2.66
CA LEU A 410 2.69 16.15 -1.21
C LEU A 410 3.68 15.29 -0.43
N SER A 411 3.88 14.05 -0.85
CA SER A 411 4.74 13.11 -0.13
C SER A 411 6.19 13.55 -0.05
N GLN A 412 6.60 14.57 -0.82
CA GLN A 412 7.95 15.11 -0.71
C GLN A 412 8.22 15.71 0.66
N ILE A 413 7.20 16.25 1.34
CA ILE A 413 7.45 16.85 2.64
C ILE A 413 7.82 15.78 3.66
N ALA A 414 7.04 14.70 3.72
CA ALA A 414 7.33 13.63 4.66
C ALA A 414 8.65 12.96 4.32
N LEU A 415 8.97 12.85 3.04
CA LEU A 415 10.27 12.34 2.63
C LEU A 415 11.40 13.11 3.30
N CYS A 416 11.35 14.44 3.22
CA CYS A 416 12.43 15.25 3.77
C CYS A 416 12.46 15.19 5.29
N HIS A 417 11.29 15.05 5.92
CA HIS A 417 11.26 14.87 7.37
C HIS A 417 12.02 13.61 7.76
N MET A 418 11.78 12.50 7.06
CA MET A 418 12.50 11.27 7.38
C MET A 418 13.98 11.38 7.02
N TYR A 419 14.29 12.12 5.96
CA TYR A 419 15.69 12.31 5.59
C TYR A 419 16.46 13.01 6.71
N ARG A 420 15.88 14.08 7.26
CA ARG A 420 16.55 14.82 8.32
C ARG A 420 16.74 13.96 9.56
N GLU A 421 15.73 13.14 9.88
CA GLU A 421 15.84 12.23 11.02
C GLU A 421 16.88 11.15 10.77
N ALA A 422 16.98 10.66 9.53
CA ALA A 422 17.99 9.64 9.24
C ALA A 422 19.40 10.22 9.35
N MET A 423 19.61 11.41 8.78
CA MET A 423 20.91 12.08 8.92
C MET A 423 21.25 12.29 10.39
N ALA A 424 20.26 12.74 11.18
CA ALA A 424 20.50 13.02 12.58
C ALA A 424 20.85 11.74 13.35
N ALA A 425 20.32 10.60 12.92
CA ALA A 425 20.61 9.33 13.56
C ALA A 425 21.91 8.68 13.07
N GLY A 426 22.64 9.31 12.18
CA GLY A 426 23.87 8.73 11.67
C GLY A 426 23.73 7.81 10.48
N VAL A 427 22.59 7.83 9.79
CA VAL A 427 22.41 6.98 8.61
C VAL A 427 23.21 7.58 7.45
N PRO A 428 24.02 6.79 6.75
CA PRO A 428 24.91 7.37 5.72
C PRO A 428 24.21 7.58 4.39
N LEU A 429 23.17 8.42 4.38
CA LEU A 429 22.62 8.92 3.13
C LEU A 429 23.52 10.03 2.60
N ASN A 430 23.82 9.99 1.31
CA ASN A 430 24.78 10.94 0.73
C ASN A 430 24.20 11.45 -0.58
N LEU A 431 23.54 12.60 -0.50
CA LEU A 431 22.98 13.27 -1.67
C LEU A 431 24.06 13.84 -2.59
N SER A 432 25.31 13.93 -2.12
CA SER A 432 26.42 14.48 -2.90
C SER A 432 27.25 13.43 -3.63
N ALA A 433 26.99 12.14 -3.42
CA ALA A 433 27.83 11.10 -3.99
C ALA A 433 27.87 11.21 -5.51
N SER A 434 29.06 11.03 -6.08
CA SER A 434 29.22 11.25 -7.52
C SER A 434 28.53 10.16 -8.35
N ARG A 435 28.31 8.97 -7.80
CA ARG A 435 27.63 7.93 -8.57
C ARG A 435 26.17 8.28 -8.87
N LEU A 436 25.60 9.26 -8.16
CA LEU A 436 24.16 9.50 -8.22
C LEU A 436 23.73 10.12 -9.54
N SER A 437 22.65 9.56 -10.09
CA SER A 437 21.94 10.04 -11.27
C SER A 437 21.33 11.41 -11.03
N LYS A 438 21.13 12.16 -12.13
CA LYS A 438 20.32 13.37 -12.05
C LYS A 438 18.91 13.04 -11.57
N GLU A 439 18.32 11.96 -12.08
CA GLU A 439 16.97 11.58 -11.68
C GLU A 439 16.91 11.23 -10.19
N THR A 440 17.91 10.51 -9.69
CA THR A 440 17.94 10.17 -8.27
C THR A 440 17.94 11.42 -7.40
N LYS A 441 18.77 12.41 -7.74
CA LYS A 441 18.86 13.62 -6.92
C LYS A 441 17.62 14.49 -7.06
N ALA A 442 17.00 14.51 -8.23
CA ALA A 442 15.79 15.29 -8.42
C ALA A 442 14.64 14.77 -7.58
N ALA A 443 14.71 13.52 -7.13
CA ALA A 443 13.65 12.94 -6.30
C ALA A 443 13.62 13.55 -4.91
N PHE A 444 14.58 14.40 -4.56
CA PHE A 444 14.59 15.11 -3.29
C PHE A 444 14.35 16.60 -3.44
N LYS A 445 13.91 17.03 -4.63
CA LYS A 445 13.53 18.42 -4.86
C LYS A 445 12.14 18.68 -4.32
N VAL A 446 11.94 19.88 -3.80
CA VAL A 446 10.66 20.26 -3.19
C VAL A 446 10.25 21.62 -3.71
N ASP A 447 9.09 21.68 -4.37
CA ASP A 447 8.56 22.92 -4.93
C ASP A 447 8.12 23.87 -3.81
N LYS A 448 8.46 25.15 -3.96
CA LYS A 448 8.15 26.11 -2.90
C LYS A 448 6.65 26.34 -2.78
N GLY A 449 5.91 26.15 -3.87
CA GLY A 449 4.46 26.22 -3.80
C GLY A 449 3.86 25.15 -2.92
N LEU A 450 4.43 23.93 -2.98
CA LEU A 450 3.98 22.87 -2.08
C LEU A 450 4.36 23.19 -0.64
N ILE A 451 5.56 23.69 -0.41
CA ILE A 451 5.96 24.07 0.95
C ILE A 451 4.95 25.06 1.52
N ASP A 452 4.57 26.07 0.74
CA ASP A 452 3.64 27.08 1.22
C ASP A 452 2.25 26.51 1.49
N ALA A 453 1.75 25.66 0.58
CA ALA A 453 0.44 25.05 0.81
C ALA A 453 0.46 24.14 2.03
N PHE A 454 1.55 23.38 2.20
CA PHE A 454 1.66 22.49 3.36
C PHE A 454 1.70 23.31 4.65
N ASN A 455 2.52 24.35 4.68
CA ASN A 455 2.63 25.15 5.90
C ASN A 455 1.35 25.91 6.19
N GLY A 456 0.65 26.37 5.13
CA GLY A 456 -0.67 26.96 5.34
C GLY A 456 -1.64 26.01 6.00
N TYR A 457 -1.60 24.72 5.62
CA TYR A 457 -2.43 23.73 6.29
C TYR A 457 -2.06 23.62 7.76
N VAL A 458 -0.76 23.53 8.05
CA VAL A 458 -0.31 23.40 9.44
C VAL A 458 -0.76 24.61 10.25
N ALA A 459 -0.54 25.81 9.72
CA ALA A 459 -0.94 27.03 10.43
C ALA A 459 -2.44 27.07 10.66
N ALA A 460 -3.24 26.74 9.65
CA ALA A 460 -4.70 26.78 9.79
C ALA A 460 -5.22 25.79 10.82
N THR A 461 -4.47 24.73 11.13
CA THR A 461 -4.92 23.70 12.06
C THR A 461 -4.12 23.69 13.36
N GLY A 462 -3.27 24.70 13.59
CA GLY A 462 -2.41 24.69 14.76
C GLY A 462 -3.16 24.76 16.07
N SER A 463 -4.42 25.19 16.04
CA SER A 463 -5.20 25.31 17.26
C SER A 463 -5.79 23.99 17.74
N ILE A 464 -5.62 22.91 16.99
CA ILE A 464 -6.30 21.67 17.34
C ILE A 464 -5.74 21.09 18.64
N LYS A 465 -4.43 20.84 18.69
CA LYS A 465 -3.73 20.47 19.92
C LYS A 465 -4.30 19.27 20.67
N ALA A 466 -4.40 18.14 19.95
CA ALA A 466 -4.77 16.88 20.56
C ALA A 466 -3.51 16.10 20.90
N SER A 467 -3.62 15.18 21.86
CA SER A 467 -2.44 14.58 22.46
C SER A 467 -2.23 13.11 22.11
N THR A 468 -3.22 12.43 21.54
CA THR A 468 -3.07 11.05 21.10
C THR A 468 -3.20 10.97 19.59
N THR A 469 -2.69 9.88 19.02
CA THR A 469 -2.77 9.71 17.58
C THR A 469 -4.21 9.52 17.12
N VAL A 470 -5.03 8.84 17.92
CA VAL A 470 -6.41 8.64 17.53
C VAL A 470 -7.16 9.97 17.50
N ALA A 471 -7.02 10.77 18.56
CA ALA A 471 -7.73 12.05 18.62
C ALA A 471 -7.20 13.02 17.56
N LEU A 472 -5.89 13.01 17.33
CA LEU A 472 -5.35 13.94 16.35
C LEU A 472 -5.79 13.59 14.95
N THR A 473 -5.77 12.30 14.59
CA THR A 473 -6.21 11.92 13.24
C THR A 473 -7.70 12.18 13.04
N GLN A 474 -8.52 11.93 14.06
CA GLN A 474 -9.97 12.12 13.91
C GLN A 474 -10.31 13.60 13.76
N ALA A 475 -9.59 14.48 14.45
CA ALA A 475 -9.81 15.91 14.30
C ALA A 475 -9.44 16.39 12.89
N HIS A 476 -8.34 15.88 12.33
CA HIS A 476 -8.01 16.27 10.97
C HIS A 476 -8.91 15.59 9.96
N TYR A 477 -9.38 14.37 10.24
CA TYR A 477 -10.31 13.73 9.31
C TYR A 477 -11.67 14.43 9.34
N ALA A 478 -12.07 14.98 10.49
CA ALA A 478 -13.29 15.77 10.56
C ALA A 478 -13.24 16.99 9.63
N LEU A 479 -12.07 17.65 9.54
CA LEU A 479 -11.92 18.75 8.59
C LEU A 479 -12.00 18.27 7.15
N TYR A 480 -11.44 17.08 6.88
CA TYR A 480 -11.54 16.49 5.55
C TYR A 480 -13.00 16.21 5.17
N LEU A 481 -13.78 15.71 6.13
CA LEU A 481 -15.19 15.44 5.85
C LEU A 481 -15.92 16.73 5.50
N ARG A 482 -15.57 17.83 6.17
CA ARG A 482 -16.17 19.11 5.86
C ARG A 482 -15.77 19.59 4.47
N TRP A 483 -14.56 19.22 4.02
CA TRP A 483 -14.19 19.50 2.64
C TRP A 483 -15.03 18.67 1.67
N ARG A 484 -15.21 17.38 1.94
CA ARG A 484 -16.03 16.54 1.06
C ARG A 484 -17.45 17.09 0.94
N ARG A 485 -18.03 17.55 2.04
CA ARG A 485 -19.38 18.10 1.99
C ARG A 485 -19.42 19.38 1.18
N LEU A 486 -18.37 20.21 1.28
CA LEU A 486 -18.27 21.40 0.46
C LEU A 486 -18.27 21.06 -1.03
N ARG A 487 -17.60 19.97 -1.41
CA ARG A 487 -17.38 19.59 -2.80
C ARG A 487 -18.38 18.55 -3.30
N LEU A 488 -19.49 18.34 -2.59
CA LEU A 488 -20.36 17.19 -2.82
C LEU A 488 -21.25 17.30 -4.06
N ASP A 489 -21.70 18.50 -4.42
CA ASP A 489 -22.76 18.68 -5.42
C ASP A 489 -22.12 18.95 -6.77
N ASP A 490 -22.06 17.92 -7.61
CA ASP A 490 -21.27 18.02 -8.83
C ASP A 490 -22.02 18.73 -9.96
N THR A 491 -23.11 19.44 -9.67
CA THR A 491 -23.67 20.40 -10.62
C THR A 491 -23.36 21.84 -10.23
N ALA A 492 -22.86 22.08 -9.01
CA ALA A 492 -22.69 23.40 -8.43
C ALA A 492 -21.26 23.89 -8.60
N PRO A 493 -21.03 25.21 -8.59
CA PRO A 493 -19.66 25.71 -8.79
C PRO A 493 -18.65 25.18 -7.78
N ASP A 494 -19.08 24.85 -6.56
CA ASP A 494 -18.15 24.32 -5.57
C ASP A 494 -18.05 22.80 -5.61
N GLY A 495 -18.74 22.16 -6.55
CA GLY A 495 -18.64 20.72 -6.67
C GLY A 495 -17.24 20.30 -7.10
N MET A 496 -16.85 19.10 -6.67
CA MET A 496 -15.58 18.53 -7.09
C MET A 496 -15.43 18.58 -8.60
N ALA A 497 -16.51 18.25 -9.34
CA ALA A 497 -16.41 18.19 -10.80
C ALA A 497 -16.01 19.52 -11.42
N GLN A 498 -16.28 20.62 -10.74
CA GLN A 498 -16.02 21.96 -11.28
C GLN A 498 -14.64 22.49 -10.90
N GLN A 499 -13.84 21.73 -10.09
CA GLN A 499 -12.60 22.30 -9.61
C GLN A 499 -11.47 22.10 -10.62
N PRO A 500 -10.50 23.03 -10.62
CA PRO A 500 -9.34 22.89 -11.52
C PRO A 500 -8.61 21.56 -11.44
N PHE A 501 -8.51 20.95 -10.25
CA PHE A 501 -7.75 19.71 -10.19
C PHE A 501 -8.42 18.61 -10.99
N VAL A 502 -9.76 18.61 -11.08
CA VAL A 502 -10.41 17.63 -11.94
C VAL A 502 -10.14 17.93 -13.42
N THR A 503 -10.12 19.21 -13.79
CA THR A 503 -9.76 19.58 -15.16
C THR A 503 -8.37 19.09 -15.49
N ARG A 504 -7.42 19.27 -14.56
CA ARG A 504 -6.07 18.77 -14.78
C ARG A 504 -6.03 17.24 -14.85
N ALA A 505 -6.82 16.58 -13.99
CA ALA A 505 -6.88 15.11 -14.04
C ALA A 505 -7.35 14.63 -15.41
N ARG A 506 -8.32 15.34 -16.01
CA ARG A 506 -8.82 14.96 -17.33
C ARG A 506 -7.73 15.01 -18.39
N THR A 507 -6.82 16.00 -18.31
CA THR A 507 -5.71 16.05 -19.25
C THR A 507 -4.69 14.95 -18.98
N TYR A 508 -4.68 14.40 -17.78
CA TYR A 508 -3.69 13.38 -17.42
C TYR A 508 -4.15 11.96 -17.73
N LYS A 509 -5.32 11.56 -17.22
CA LYS A 509 -5.76 10.17 -17.36
C LYS A 509 -7.26 10.10 -17.13
N ALA A 510 -8.00 9.67 -18.16
CA ALA A 510 -9.45 9.53 -18.06
C ALA A 510 -9.89 8.69 -16.86
N GLN A 511 -9.17 7.58 -16.58
CA GLN A 511 -9.53 6.72 -15.45
C GLN A 511 -9.50 7.49 -14.13
N ASP A 512 -8.57 8.44 -13.98
CA ASP A 512 -8.50 9.22 -12.74
C ASP A 512 -9.76 10.06 -12.55
N VAL A 513 -10.26 10.68 -13.62
CA VAL A 513 -11.48 11.48 -13.52
C VAL A 513 -12.66 10.59 -13.14
N THR A 514 -12.77 9.42 -13.79
CA THR A 514 -13.84 8.50 -13.45
C THR A 514 -13.77 8.09 -12.00
N ASP A 515 -12.57 7.73 -11.53
CA ASP A 515 -12.39 7.40 -10.12
C ASP A 515 -12.88 8.53 -9.23
N LEU A 516 -12.38 9.75 -9.49
CA LEU A 516 -12.73 10.87 -8.63
C LEU A 516 -14.24 11.11 -8.62
N LEU A 517 -14.84 11.17 -9.80
CA LEU A 517 -16.25 11.60 -9.86
C LEU A 517 -17.20 10.46 -9.51
N GLN A 518 -16.90 9.23 -9.90
CA GLN A 518 -17.72 8.11 -9.46
C GLN A 518 -17.71 7.98 -7.94
N THR A 519 -16.54 8.18 -7.31
CA THR A 519 -16.44 8.08 -5.86
C THR A 519 -17.24 9.20 -5.18
N ASN A 520 -17.26 10.40 -5.75
CA ASN A 520 -18.12 11.45 -5.22
C ASN A 520 -19.59 11.08 -5.37
N ALA A 521 -19.98 10.48 -6.50
CA ALA A 521 -21.35 9.98 -6.64
C ALA A 521 -21.65 8.93 -5.58
N GLU A 522 -20.69 8.05 -5.30
CA GLU A 522 -20.92 7.03 -4.29
C GLU A 522 -21.05 7.64 -2.89
N LEU A 523 -20.38 8.76 -2.66
CA LEU A 523 -20.51 9.43 -1.36
C LEU A 523 -21.90 10.06 -1.21
N ARG A 524 -22.45 10.64 -2.29
CA ARG A 524 -23.84 11.10 -2.24
C ARG A 524 -24.76 9.95 -1.89
N GLN A 525 -24.55 8.79 -2.50
CA GLN A 525 -25.37 7.62 -2.18
C GLN A 525 -25.15 7.15 -0.75
N GLU A 526 -23.91 7.17 -0.27
CA GLU A 526 -23.64 6.75 1.10
C GLU A 526 -24.40 7.62 2.09
N TRP A 527 -24.33 8.94 1.92
CA TRP A 527 -25.03 9.85 2.83
C TRP A 527 -26.53 9.63 2.79
N ALA A 528 -27.10 9.48 1.59
CA ALA A 528 -28.54 9.30 1.45
C ALA A 528 -29.01 8.01 2.09
N ALA A 529 -28.22 6.92 1.95
CA ALA A 529 -28.56 5.67 2.63
C ALA A 529 -28.51 5.82 4.15
N LEU A 530 -27.56 6.60 4.67
CA LEU A 530 -27.50 6.76 6.12
C LEU A 530 -28.60 7.70 6.64
N GLN A 531 -28.93 8.74 5.89
CA GLN A 531 -30.04 9.60 6.29
C GLN A 531 -31.34 8.84 6.31
N GLN A 532 -31.50 7.88 5.40
CA GLN A 532 -32.68 7.03 5.41
C GLN A 532 -32.67 6.11 6.62
N ASP A 533 -31.54 5.45 6.86
CA ASP A 533 -31.51 4.36 7.84
C ASP A 533 -31.42 4.86 9.27
N GLU A 534 -30.97 6.10 9.48
CA GLU A 534 -30.84 6.63 10.84
C GLU A 534 -32.19 6.92 11.46
N LYS A 535 -33.27 6.92 10.68
CA LYS A 535 -34.58 7.22 11.22
C LYS A 535 -35.10 6.14 12.15
N ASP A 536 -34.54 4.92 12.04
CA ASP A 536 -34.97 3.79 12.87
C ASP A 536 -33.73 3.09 13.41
N ALA A 537 -33.57 3.09 14.74
CA ALA A 537 -32.41 2.48 15.35
C ALA A 537 -32.39 0.96 15.23
N ALA A 538 -33.53 0.31 14.98
CA ALA A 538 -33.56 -1.14 14.92
C ALA A 538 -33.31 -1.64 13.50
N TYR A 539 -32.47 -2.67 13.38
CA TYR A 539 -32.16 -3.22 12.08
C TYR A 539 -33.41 -3.74 11.39
N SER A 540 -33.53 -3.43 10.10
CA SER A 540 -34.51 -4.06 9.24
C SER A 540 -33.83 -4.56 7.98
N SER A 541 -34.34 -5.71 7.49
CA SER A 541 -33.90 -6.27 6.22
C SER A 541 -34.13 -5.32 5.04
N GLU A 542 -35.09 -4.41 5.16
CA GLU A 542 -35.39 -3.43 4.11
C GLU A 542 -34.63 -2.13 4.24
N ALA A 543 -33.73 -2.00 5.22
CA ALA A 543 -32.90 -0.81 5.32
C ALA A 543 -32.09 -0.60 4.04
N SER A 544 -31.82 0.68 3.74
CA SER A 544 -31.02 1.01 2.55
C SER A 544 -29.64 0.38 2.63
N VAL A 545 -28.96 0.55 3.77
CA VAL A 545 -27.61 0.04 3.88
C VAL A 545 -27.62 -1.47 3.79
N ALA A 546 -28.69 -2.12 4.26
CA ALA A 546 -28.79 -3.56 4.15
C ALA A 546 -28.83 -3.98 2.69
N HIS A 547 -29.61 -3.27 1.87
CA HIS A 547 -29.63 -3.54 0.43
C HIS A 547 -28.25 -3.35 -0.18
N VAL A 548 -27.54 -2.29 0.21
CA VAL A 548 -26.19 -2.08 -0.33
C VAL A 548 -25.28 -3.25 0.04
N LEU A 549 -25.35 -3.70 1.29
CA LEU A 549 -24.49 -4.78 1.75
C LEU A 549 -24.78 -6.09 0.99
N ARG A 550 -26.06 -6.43 0.85
CA ARG A 550 -26.43 -7.64 0.11
C ARG A 550 -25.98 -7.54 -1.35
N SER A 551 -26.09 -6.36 -1.94
CA SER A 551 -25.71 -6.18 -3.34
C SER A 551 -24.20 -6.27 -3.55
N THR A 552 -23.40 -5.86 -2.56
CA THR A 552 -21.95 -5.79 -2.73
C THR A 552 -21.18 -6.86 -1.98
N LEU A 553 -21.83 -7.69 -1.16
CA LEU A 553 -21.13 -8.69 -0.34
C LEU A 553 -21.83 -10.05 -0.48
N ALA A 554 -21.68 -10.65 -1.66
CA ALA A 554 -22.36 -11.92 -1.98
C ALA A 554 -22.20 -13.02 -0.94
N PRO A 555 -21.03 -13.25 -0.33
CA PRO A 555 -20.92 -14.38 0.63
C PRO A 555 -21.89 -14.30 1.79
N ILE A 556 -22.35 -13.12 2.19
CA ILE A 556 -23.24 -12.97 3.33
C ILE A 556 -24.63 -12.49 2.92
N ALA A 557 -24.92 -12.43 1.62
CA ALA A 557 -26.20 -11.88 1.18
C ALA A 557 -27.37 -12.72 1.68
N ALA A 558 -27.15 -14.01 1.90
CA ALA A 558 -28.18 -14.90 2.43
C ALA A 558 -28.14 -15.02 3.94
N ARG A 559 -27.23 -14.32 4.60
CA ARG A 559 -27.07 -14.41 6.05
C ARG A 559 -27.50 -13.07 6.64
N ASP A 560 -28.81 -12.93 6.79
CA ASP A 560 -29.38 -11.67 7.28
C ASP A 560 -28.82 -11.30 8.64
N ASP A 561 -28.47 -12.28 9.46
CA ASP A 561 -27.90 -11.98 10.78
C ASP A 561 -26.52 -11.33 10.66
N ILE A 562 -25.72 -11.75 9.67
CA ILE A 562 -24.42 -11.11 9.48
C ILE A 562 -24.61 -9.72 8.88
N VAL A 563 -25.50 -9.58 7.91
CA VAL A 563 -25.82 -8.26 7.38
C VAL A 563 -26.18 -7.32 8.53
N ALA A 564 -27.02 -7.80 9.47
CA ALA A 564 -27.45 -6.98 10.60
C ALA A 564 -26.26 -6.53 11.44
N LEU A 565 -25.28 -7.42 11.64
CA LEU A 565 -24.10 -7.03 12.42
C LEU A 565 -23.30 -5.95 11.71
N VAL A 566 -23.08 -6.11 10.41
CA VAL A 566 -22.32 -5.09 9.68
C VAL A 566 -23.10 -3.78 9.65
N TRP A 567 -24.41 -3.88 9.43
CA TRP A 567 -25.27 -2.70 9.43
C TRP A 567 -25.16 -1.93 10.74
N GLY A 568 -25.21 -2.63 11.87
CA GLY A 568 -25.13 -1.96 13.17
C GLY A 568 -23.82 -1.20 13.38
N GLU A 569 -22.70 -1.78 12.95
CA GLU A 569 -21.43 -1.08 13.07
C GLU A 569 -21.39 0.12 12.11
N LYS A 570 -21.93 -0.04 10.91
CA LYS A 570 -21.95 1.09 9.96
C LYS A 570 -22.74 2.26 10.54
N MET A 571 -23.92 2.00 11.09
CA MET A 571 -24.69 3.07 11.69
C MET A 571 -23.95 3.69 12.88
N THR A 572 -23.23 2.87 13.66
CA THR A 572 -22.44 3.43 14.75
C THR A 572 -21.37 4.39 14.22
N GLN A 573 -20.68 4.00 13.14
CA GLN A 573 -19.65 4.86 12.57
C GLN A 573 -20.24 6.17 12.05
N TRP A 574 -21.39 6.11 11.38
CA TRP A 574 -22.07 7.32 10.92
C TRP A 574 -22.32 8.28 12.08
N ARG A 575 -22.86 7.77 13.19
CA ARG A 575 -23.16 8.63 14.32
C ARG A 575 -21.90 9.26 14.90
N GLU A 576 -20.76 8.57 14.79
CA GLU A 576 -19.49 9.14 15.22
C GLU A 576 -19.11 10.36 14.40
N VAL A 577 -19.27 10.31 13.08
CA VAL A 577 -18.80 11.40 12.21
C VAL A 577 -19.89 12.37 11.81
N LYS A 578 -21.16 12.04 12.06
CA LYS A 578 -22.26 12.93 11.70
C LYS A 578 -22.05 14.37 12.17
N PRO A 579 -21.59 14.64 13.40
CA PRO A 579 -21.39 16.05 13.80
C PRO A 579 -20.44 16.82 12.92
N ALA A 580 -19.34 16.21 12.49
CA ALA A 580 -18.42 16.90 11.61
C ALA A 580 -19.03 17.11 10.23
N TRP A 581 -19.67 16.06 9.70
CA TRP A 581 -20.27 16.13 8.36
C TRP A 581 -21.34 17.22 8.29
N ASN A 582 -22.08 17.38 9.36
CA ASN A 582 -23.11 18.38 9.46
C ASN A 582 -22.65 19.78 9.88
N ASP A 583 -21.36 19.92 10.16
CA ASP A 583 -20.77 21.20 10.55
C ASP A 583 -20.59 22.05 9.30
N LEU A 584 -21.44 23.06 9.14
CA LEU A 584 -21.40 23.88 7.93
C LEU A 584 -20.63 25.18 8.14
N SER A 585 -19.89 25.32 9.23
CA SER A 585 -19.01 26.46 9.40
C SER A 585 -18.00 26.52 8.25
N PRO A 586 -17.65 27.71 7.77
CA PRO A 586 -16.68 27.78 6.67
C PRO A 586 -15.35 27.18 7.06
N LEU A 587 -14.77 26.42 6.13
CA LEU A 587 -13.44 25.84 6.32
C LEU A 587 -12.39 26.85 5.93
N ASP A 588 -11.31 26.91 6.71
CA ASP A 588 -10.18 27.76 6.34
C ASP A 588 -9.75 27.48 4.90
N ARG A 589 -9.46 28.53 4.14
CA ARG A 589 -9.10 28.43 2.74
C ARG A 589 -7.86 27.58 2.54
N ARG A 590 -6.95 27.65 3.49
CA ARG A 590 -5.71 26.88 3.44
C ARG A 590 -5.98 25.37 3.49
N ILE A 591 -6.98 24.94 4.24
CA ILE A 591 -7.35 23.53 4.32
C ILE A 591 -7.93 23.07 2.99
N VAL A 592 -8.84 23.87 2.42
CA VAL A 592 -9.44 23.56 1.12
C VAL A 592 -8.37 23.44 0.04
N ARG A 593 -7.37 24.34 0.05
CA ARG A 593 -6.37 24.31 -1.01
C ARG A 593 -5.51 23.04 -0.97
N LEU A 594 -5.14 22.60 0.23
CA LEU A 594 -4.33 21.38 0.35
C LEU A 594 -5.05 20.18 -0.24
N HIS A 595 -6.35 20.02 0.07
CA HIS A 595 -7.10 18.87 -0.42
C HIS A 595 -7.44 19.01 -1.91
N ASP A 596 -7.73 20.23 -2.37
CA ASP A 596 -7.94 20.44 -3.80
C ASP A 596 -6.71 20.05 -4.60
N ASP A 597 -5.53 20.56 -4.24
CA ASP A 597 -4.41 20.56 -5.16
C ASP A 597 -3.24 19.69 -4.74
N TYR A 598 -3.25 19.08 -3.55
CA TYR A 598 -2.07 18.34 -3.11
C TYR A 598 -2.40 16.93 -2.64
N SER A 599 -3.37 16.76 -1.74
CA SER A 599 -3.60 15.41 -1.22
C SER A 599 -4.40 14.60 -2.22
N HIS A 600 -4.26 13.27 -2.14
CA HIS A 600 -4.93 12.38 -3.07
C HIS A 600 -6.16 11.75 -2.42
N ASP A 601 -6.90 10.98 -3.22
CA ASP A 601 -8.12 10.30 -2.79
C ASP A 601 -7.85 8.81 -2.98
N SER A 602 -7.44 8.14 -1.90
CA SER A 602 -7.04 6.74 -2.06
C SER A 602 -8.25 5.82 -2.15
N ARG A 603 -9.35 6.13 -1.47
CA ARG A 603 -10.56 5.32 -1.66
C ARG A 603 -11.00 5.34 -3.12
N ALA A 604 -10.82 6.47 -3.79
CA ALA A 604 -11.31 6.63 -5.17
C ALA A 604 -10.65 5.63 -6.13
N TRP A 605 -9.33 5.43 -6.03
CA TRP A 605 -8.68 4.58 -7.04
C TRP A 605 -8.59 3.12 -6.64
N PHE A 606 -8.66 2.81 -5.33
CA PHE A 606 -8.45 1.44 -4.82
C PHE A 606 -9.66 0.56 -5.15
N LYS A 607 -9.45 -0.42 -6.04
CA LYS A 607 -10.52 -1.25 -6.58
C LYS A 607 -10.24 -2.74 -6.34
N PRO A 608 -10.29 -3.19 -5.09
CA PRO A 608 -10.02 -4.62 -4.82
C PRO A 608 -11.01 -5.57 -5.47
N PHE A 609 -12.18 -5.09 -5.89
CA PHE A 609 -13.15 -5.93 -6.57
C PHE A 609 -13.27 -5.59 -8.05
N GLY A 610 -12.33 -4.82 -8.59
CA GLY A 610 -12.25 -4.56 -10.00
C GLY A 610 -11.16 -5.39 -10.66
N ALA A 611 -10.74 -4.95 -11.83
CA ALA A 611 -9.63 -5.62 -12.48
C ALA A 611 -8.36 -5.38 -11.69
N ALA A 612 -7.37 -6.25 -11.94
CA ALA A 612 -6.11 -6.19 -11.22
C ALA A 612 -5.37 -4.87 -11.44
N SER A 613 -5.66 -4.14 -12.50
CA SER A 613 -4.97 -2.90 -12.83
C SER A 613 -5.69 -2.26 -14.01
N GLU A 614 -5.32 -1.01 -14.34
CA GLU A 614 -5.96 -0.39 -15.49
C GLU A 614 -5.57 -1.10 -16.77
N GLU A 615 -4.31 -1.51 -16.90
CA GLU A 615 -3.88 -2.27 -18.06
C GLU A 615 -4.66 -3.58 -18.18
N ALA A 616 -4.91 -4.25 -17.05
CA ALA A 616 -5.71 -5.47 -17.08
C ALA A 616 -7.15 -5.17 -17.46
N TRP A 617 -7.70 -4.06 -16.96
CA TRP A 617 -9.06 -3.70 -17.34
C TRP A 617 -9.17 -3.54 -18.84
N LYS A 618 -8.22 -2.83 -19.44
CA LYS A 618 -8.27 -2.59 -20.88
C LYS A 618 -8.08 -3.89 -21.67
N ARG A 619 -7.12 -4.71 -21.26
CA ARG A 619 -6.92 -6.00 -21.92
C ARG A 619 -8.20 -6.84 -21.88
N GLN A 620 -8.87 -6.88 -20.73
CA GLN A 620 -10.08 -7.69 -20.61
C GLN A 620 -11.20 -7.16 -21.49
N TYR A 621 -11.30 -5.83 -21.63
CA TYR A 621 -12.34 -5.29 -22.49
C TYR A 621 -12.08 -5.63 -23.95
N ARG A 622 -10.82 -5.51 -24.40
CA ARG A 622 -10.50 -5.89 -25.77
C ARG A 622 -10.78 -7.37 -26.02
N GLN A 623 -10.46 -8.22 -25.04
CA GLN A 623 -10.74 -9.64 -25.17
C GLN A 623 -12.25 -9.91 -25.24
N ARG A 624 -13.03 -9.21 -24.42
CA ARG A 624 -14.47 -9.37 -24.46
C ARG A 624 -15.05 -8.91 -25.78
N MET A 625 -14.61 -7.75 -26.29
CA MET A 625 -15.09 -7.29 -27.58
C MET A 625 -14.70 -8.26 -28.70
N ASN A 626 -13.47 -8.76 -28.69
CA ASN A 626 -13.04 -9.72 -29.71
C ASN A 626 -13.92 -10.96 -29.69
N ARG A 627 -14.30 -11.42 -28.49
CA ARG A 627 -15.21 -12.56 -28.40
C ARG A 627 -16.59 -12.22 -28.95
N LEU A 628 -17.12 -11.04 -28.60
CA LEU A 628 -18.45 -10.67 -29.07
C LEU A 628 -18.46 -10.49 -30.58
N GLU A 629 -17.38 -9.97 -31.15
CA GLU A 629 -17.28 -9.86 -32.61
C GLU A 629 -17.35 -11.23 -33.26
N ALA A 630 -16.56 -12.19 -32.75
CA ALA A 630 -16.59 -13.55 -33.29
C ALA A 630 -17.99 -14.13 -33.21
N GLN A 631 -18.64 -14.02 -32.05
CA GLN A 631 -19.99 -14.54 -31.91
C GLN A 631 -20.97 -13.88 -32.87
N ASP A 632 -20.78 -12.58 -33.17
CA ASP A 632 -21.71 -11.91 -34.07
C ASP A 632 -21.43 -12.27 -35.53
N ASN A 633 -20.15 -12.32 -35.91
CA ASN A 633 -19.80 -12.75 -37.27
C ASN A 633 -20.20 -14.19 -37.55
N ALA A 634 -20.37 -15.00 -36.50
CA ALA A 634 -20.87 -16.36 -36.71
C ALA A 634 -22.38 -16.35 -36.94
N TRP A 635 -23.10 -15.48 -36.23
CA TRP A 635 -24.54 -15.41 -36.45
C TRP A 635 -24.87 -14.78 -37.79
N GLN A 636 -24.19 -13.68 -38.12
CA GLN A 636 -24.46 -13.03 -39.40
C GLN A 636 -24.17 -13.97 -40.56
N GLN A 637 -23.11 -14.78 -40.45
CA GLN A 637 -22.83 -15.75 -41.52
C GLN A 637 -23.90 -16.84 -41.57
N TRP A 638 -24.48 -17.22 -40.43
CA TRP A 638 -25.61 -18.13 -40.49
C TRP A 638 -26.79 -17.46 -41.19
N ASN A 639 -27.02 -16.18 -40.90
CA ASN A 639 -28.14 -15.45 -41.50
C ASN A 639 -28.04 -15.44 -43.03
N ARG A 640 -26.83 -15.26 -43.56
CA ARG A 640 -26.67 -15.20 -45.01
C ARG A 640 -26.74 -16.57 -45.67
N ASP A 641 -26.41 -17.64 -44.94
CA ASP A 641 -26.60 -18.98 -45.50
C ASP A 641 -28.06 -19.39 -45.47
N VAL A 642 -28.81 -18.92 -44.47
CA VAL A 642 -30.19 -19.35 -44.32
C VAL A 642 -31.14 -18.47 -45.14
N GLN A 643 -30.86 -17.19 -45.28
CA GLN A 643 -31.75 -16.26 -45.97
C GLN A 643 -32.15 -16.71 -47.37
N PRO A 644 -31.24 -17.18 -48.25
CA PRO A 644 -31.70 -17.72 -49.55
C PRO A 644 -32.69 -18.86 -49.40
N VAL A 645 -32.40 -19.80 -48.49
CA VAL A 645 -33.32 -20.90 -48.23
C VAL A 645 -34.69 -20.37 -47.77
N ILE A 646 -34.72 -19.29 -46.98
CA ILE A 646 -36.02 -18.80 -46.53
C ILE A 646 -36.71 -18.04 -47.66
N ASP A 647 -35.94 -17.34 -48.50
CA ASP A 647 -36.55 -16.66 -49.65
C ASP A 647 -37.09 -17.68 -50.63
N ASP A 648 -36.30 -18.73 -50.89
CA ASP A 648 -36.69 -19.77 -51.83
C ASP A 648 -37.98 -20.44 -51.39
N ALA A 649 -38.16 -20.67 -50.09
CA ALA A 649 -39.40 -21.24 -49.59
C ALA A 649 -40.57 -20.26 -49.67
N VAL A 650 -40.28 -18.96 -49.73
CA VAL A 650 -41.35 -17.98 -49.87
C VAL A 650 -41.85 -17.96 -51.31
N ARG A 651 -40.94 -17.74 -52.27
CA ARG A 651 -41.31 -17.72 -53.68
C ARG A 651 -42.11 -18.96 -54.07
N LYS A 652 -41.75 -20.12 -53.51
CA LYS A 652 -42.44 -21.36 -53.83
C LYS A 652 -43.85 -21.39 -53.27
N ALA A 653 -44.03 -20.90 -52.04
CA ALA A 653 -45.37 -20.86 -51.46
C ALA A 653 -46.26 -19.86 -52.17
N GLN A 654 -45.68 -18.80 -52.74
CA GLN A 654 -46.46 -17.85 -53.54
C GLN A 654 -46.94 -18.51 -54.83
N LYS A 655 -46.07 -19.25 -55.47
CA LYS A 655 -46.36 -19.96 -56.69
C LYS A 655 -47.37 -21.06 -56.51
N HIS A 656 -47.30 -21.75 -55.40
CA HIS A 656 -48.24 -22.80 -55.07
C HIS A 656 -48.81 -22.53 -53.69
N PRO A 657 -49.83 -21.59 -53.63
CA PRO A 657 -50.32 -21.29 -52.28
C PRO A 657 -50.90 -22.45 -51.56
N GLY A 658 -51.14 -23.53 -52.25
CA GLY A 658 -51.71 -24.68 -51.59
C GLY A 658 -50.73 -25.73 -51.10
N SER A 659 -49.41 -25.52 -51.15
CA SER A 659 -48.57 -26.63 -50.73
C SER A 659 -48.38 -26.96 -49.27
N PHE A 660 -48.82 -26.18 -48.32
CA PHE A 660 -48.48 -26.61 -46.99
C PHE A 660 -46.99 -26.69 -47.20
N GLN A 661 -46.39 -25.60 -47.66
CA GLN A 661 -45.00 -25.67 -48.01
C GLN A 661 -44.52 -25.61 -46.60
N PRO A 662 -44.13 -26.74 -46.02
CA PRO A 662 -43.56 -26.56 -44.66
C PRO A 662 -42.19 -25.97 -44.73
N THR A 663 -41.80 -25.20 -43.73
CA THR A 663 -40.52 -24.56 -43.81
C THR A 663 -39.36 -25.44 -43.69
N PRO A 664 -38.34 -25.10 -44.44
CA PRO A 664 -37.21 -25.99 -44.47
C PRO A 664 -36.36 -25.93 -43.22
N GLU A 665 -35.75 -27.03 -42.90
CA GLU A 665 -34.90 -27.08 -41.77
C GLU A 665 -33.57 -26.54 -42.21
N VAL A 666 -32.96 -25.77 -41.35
CA VAL A 666 -31.64 -25.23 -41.56
C VAL A 666 -30.74 -25.65 -40.41
N ARG A 667 -29.44 -25.43 -40.61
CA ARG A 667 -28.38 -25.62 -39.63
C ARG A 667 -28.73 -24.98 -38.28
N PRO A 668 -28.27 -25.55 -37.17
CA PRO A 668 -28.41 -24.89 -35.87
C PRO A 668 -27.90 -23.45 -35.90
N MET A 669 -28.68 -22.55 -35.28
CA MET A 669 -28.34 -21.13 -35.29
C MET A 669 -27.34 -20.81 -34.18
N PRO A 670 -26.22 -20.15 -34.49
CA PRO A 670 -25.28 -19.75 -33.45
C PRO A 670 -25.95 -18.78 -32.49
N PRO A 671 -25.44 -18.67 -31.26
CA PRO A 671 -26.11 -17.83 -30.26
C PRO A 671 -26.07 -16.36 -30.64
N LEU A 672 -27.12 -15.64 -30.25
CA LEU A 672 -27.26 -14.23 -30.60
C LEU A 672 -26.56 -13.35 -29.57
N VAL A 673 -25.79 -12.37 -30.04
CA VAL A 673 -25.32 -11.31 -29.15
C VAL A 673 -26.51 -10.42 -28.81
N ALA A 674 -26.78 -10.25 -27.52
CA ALA A 674 -27.97 -9.57 -27.08
C ALA A 674 -27.69 -8.78 -25.81
N GLY A 675 -28.70 -8.05 -25.35
CA GLY A 675 -28.62 -7.32 -24.09
C GLY A 675 -27.51 -6.30 -24.09
N GLN A 676 -26.88 -6.14 -22.92
CA GLN A 676 -25.79 -5.19 -22.80
C GLN A 676 -24.64 -5.55 -23.73
N ASP A 677 -24.39 -6.84 -23.94
CA ASP A 677 -23.33 -7.28 -24.84
C ASP A 677 -23.47 -6.66 -26.22
N LEU A 678 -24.70 -6.67 -26.76
CA LEU A 678 -24.92 -6.14 -28.10
C LEU A 678 -24.77 -4.62 -28.11
N LYS A 679 -25.23 -3.95 -27.05
CA LYS A 679 -25.06 -2.50 -26.95
C LYS A 679 -23.58 -2.13 -26.96
N ASP A 680 -22.77 -2.81 -26.12
CA ASP A 680 -21.34 -2.53 -26.09
C ASP A 680 -20.67 -2.81 -27.42
N LEU A 681 -21.01 -3.94 -28.05
CA LEU A 681 -20.41 -4.27 -29.33
C LEU A 681 -20.75 -3.22 -30.40
N LYS A 682 -22.02 -2.81 -30.45
CA LYS A 682 -22.41 -1.78 -31.41
C LYS A 682 -21.61 -0.50 -31.19
N GLN A 683 -21.53 -0.04 -29.95
CA GLN A 683 -20.76 1.17 -29.65
C GLN A 683 -19.30 0.99 -30.03
N TRP A 684 -18.73 -0.17 -29.71
CA TRP A 684 -17.33 -0.47 -30.01
C TRP A 684 -17.06 -0.37 -31.52
N ARG A 685 -17.95 -0.90 -32.34
CA ARG A 685 -17.79 -0.79 -33.78
C ARG A 685 -17.95 0.65 -34.23
N SER A 686 -18.98 1.32 -33.72
CA SER A 686 -19.26 2.69 -34.12
C SER A 686 -18.10 3.63 -33.80
N ASN A 687 -17.58 3.58 -32.57
CA ASN A 687 -16.56 4.55 -32.16
C ASN A 687 -15.14 4.12 -32.47
N GLY A 688 -14.93 2.97 -33.10
CA GLY A 688 -13.59 2.57 -33.49
C GLY A 688 -12.70 2.01 -32.38
N GLY A 689 -13.27 1.51 -31.30
CA GLY A 689 -12.50 0.80 -30.30
C GLY A 689 -12.15 1.58 -29.05
N VAL A 690 -13.00 2.54 -28.64
CA VAL A 690 -12.78 3.23 -27.38
C VAL A 690 -13.12 2.29 -26.22
N ILE A 691 -12.20 2.19 -25.29
CA ILE A 691 -12.43 1.35 -24.08
C ILE A 691 -12.99 2.29 -23.00
N PRO A 692 -14.20 2.02 -22.51
CA PRO A 692 -14.72 2.83 -21.40
C PRO A 692 -13.87 2.65 -20.16
N THR A 693 -13.91 3.67 -19.30
CA THR A 693 -13.19 3.56 -18.04
C THR A 693 -13.92 2.61 -17.10
N GLU A 694 -13.18 2.08 -16.13
CA GLU A 694 -13.74 1.17 -15.13
C GLU A 694 -14.50 1.97 -14.07
N GLN A 695 -15.79 1.67 -13.88
CA GLN A 695 -16.68 2.55 -13.13
C GLN A 695 -16.81 2.22 -11.64
N ASP A 696 -16.54 0.99 -11.22
CA ASP A 696 -16.70 0.66 -9.80
C ASP A 696 -15.61 -0.34 -9.41
N GLY A 697 -15.84 -1.09 -8.34
CA GLY A 697 -14.86 -2.05 -7.85
C GLY A 697 -14.23 -1.67 -6.52
N ARG A 698 -14.65 -0.56 -5.93
CA ARG A 698 -14.14 -0.05 -4.66
C ARG A 698 -14.68 -0.89 -3.49
N GLU A 699 -14.13 -0.65 -2.31
CA GLU A 699 -14.72 -1.19 -1.08
C GLU A 699 -16.17 -0.73 -0.98
N SER A 700 -17.04 -1.59 -0.47
CA SER A 700 -18.45 -1.23 -0.36
C SER A 700 -18.64 -0.06 0.58
N TYR A 701 -19.37 0.97 0.11
CA TYR A 701 -19.65 2.09 0.99
C TYR A 701 -20.69 1.73 2.03
N GLY A 702 -21.40 0.62 1.87
CA GLY A 702 -22.28 0.12 2.91
C GLY A 702 -21.55 -0.40 4.12
N MET A 703 -20.29 -0.78 3.97
CA MET A 703 -19.48 -1.29 5.06
C MET A 703 -18.38 -0.33 5.49
N PHE A 704 -17.67 0.28 4.54
CA PHE A 704 -16.59 1.22 4.84
C PHE A 704 -17.03 2.61 4.39
N GLY A 705 -16.59 3.10 3.24
CA GLY A 705 -16.99 4.41 2.76
C GLY A 705 -16.27 5.52 3.51
N PHE A 706 -16.72 6.77 3.28
CA PHE A 706 -16.04 7.90 3.90
C PHE A 706 -16.59 8.24 5.28
N LEU A 707 -17.85 7.91 5.56
CA LEU A 707 -18.53 8.38 6.78
C LEU A 707 -18.22 7.41 7.93
N ARG A 708 -16.96 7.43 8.36
CA ARG A 708 -16.46 6.55 9.41
C ARG A 708 -15.14 7.12 9.90
N TRP A 709 -14.65 6.60 11.03
CA TRP A 709 -13.26 6.84 11.41
C TRP A 709 -12.38 5.72 10.87
N ARG A 710 -11.14 6.07 10.53
CA ARG A 710 -10.16 5.03 10.23
C ARG A 710 -9.97 4.13 11.44
N THR A 711 -9.87 2.83 11.20
CA THR A 711 -9.53 1.91 12.29
C THR A 711 -8.06 2.07 12.63
N ILE A 712 -7.75 2.21 13.93
CA ILE A 712 -6.38 2.40 14.41
C ILE A 712 -6.22 1.45 15.59
N PHE A 713 -5.24 0.55 15.51
CA PHE A 713 -4.94 -0.35 16.61
C PHE A 713 -3.84 0.29 17.45
N VAL A 714 -4.09 0.46 18.73
CA VAL A 714 -3.16 1.14 19.63
C VAL A 714 -2.56 0.10 20.57
N PRO A 715 -1.25 0.06 20.75
CA PRO A 715 -0.61 -1.10 21.38
C PRO A 715 -1.10 -1.35 22.80
N GLU A 716 -1.12 -2.65 23.16
CA GLU A 716 -1.47 -3.10 24.50
C GLU A 716 -0.58 -2.48 25.57
N LYS A 717 -1.22 -1.93 26.60
CA LYS A 717 -0.60 -1.46 27.83
C LYS A 717 -1.65 -1.59 28.95
C1 GOL B . -10.07 4.05 17.24
O1 GOL B . -8.93 3.27 17.66
C2 GOL B . -10.51 3.57 15.85
O2 GOL B . -10.44 2.17 15.70
C3 GOL B . -11.89 4.25 15.61
O3 GOL B . -12.82 3.31 15.09
#